data_1EF0
#
_entry.id   1EF0
#
_cell.length_a   59.003
_cell.length_b   101.683
_cell.length_c   86.765
_cell.angle_alpha   90.00
_cell.angle_beta   93.51
_cell.angle_gamma   90.00
#
_symmetry.space_group_name_H-M   'P 1 21 1'
#
loop_
_entity.id
_entity.type
_entity.pdbx_description
1 polymer 'PI-SCEI ENDONUCLEASE'
2 non-polymer 'ZINC ION'
3 water water
#
_entity_poly.entity_id   1
_entity_poly.type   'polypeptide(L)'
_entity_poly.pdbx_seq_one_letter_code
;KLEGAFAKGTNVLMADGSIECIENIEVGNKVMGKDGRPREVIKLPRGRETMYSVVQKSQHRAHKSDSSREVPELLKFTCN
ATHELVVRTPRSVRRLSRTIKGVEYFEVITFEMGQKKAPDGRIVELVKEVSKSYPISEGPERANELVESYRKASNKAYFE
WTIEARDLSLLGSHVRKATYQTYAPILYENDHFFDYMQKSKFHLTIEGPKVLAYLLGLWIGDGLSDRATFSVDSRDTSLM
ERVTEYAEKLNLCAEYKDRKEPQVAKTVNLYSKVVRGNGIRNNLNTENPLWDAIVGLGFLKDGVKNIPSFLSTDNIGTRE
TFLAGLIDSDGYVTDEHGIKATIKTIHTSVRDGLVSLARSLGLVVSVNAEPAKVDMNGTKHKISYAIYMSGGDVLLNVLS
KCAGSKKFRPAPAAAFARECRGFYFELQELKEDDYYGITLSDDSDHQFLLANQVVVHACGER
;
_entity_poly.pdbx_strand_id   A,B
#
loop_
_chem_comp.id
_chem_comp.type
_chem_comp.name
_chem_comp.formula
ZN non-polymer 'ZINC ION' 'Zn 2'
#
# COMPACT_ATOMS: atom_id res chain seq x y z
N GLU A 3 -36.05 -3.65 12.30
CA GLU A 3 -36.23 -2.22 11.91
C GLU A 3 -35.34 -1.85 10.73
N GLY A 4 -34.15 -2.46 10.68
CA GLY A 4 -33.24 -2.19 9.58
C GLY A 4 -33.46 -3.24 8.52
N ALA A 5 -33.44 -2.84 7.25
CA ALA A 5 -33.66 -3.81 6.17
C ALA A 5 -33.09 -3.36 4.83
N PHE A 6 -33.14 -4.26 3.86
CA PHE A 6 -32.61 -4.00 2.53
C PHE A 6 -33.65 -4.07 1.44
N ALA A 7 -33.26 -3.60 0.25
CA ALA A 7 -34.14 -3.61 -0.89
C ALA A 7 -34.31 -5.05 -1.35
N LYS A 8 -35.38 -5.30 -2.10
CA LYS A 8 -35.63 -6.63 -2.64
C LYS A 8 -34.49 -6.92 -3.60
N GLY A 9 -33.99 -8.15 -3.59
CA GLY A 9 -32.90 -8.50 -4.49
C GLY A 9 -31.50 -8.40 -3.89
N THR A 10 -31.39 -7.80 -2.72
CA THR A 10 -30.09 -7.66 -2.06
C THR A 10 -29.49 -9.04 -1.81
N ASN A 11 -28.39 -9.37 -2.47
CA ASN A 11 -27.79 -10.67 -2.26
C ASN A 11 -27.01 -10.78 -0.96
N VAL A 12 -27.32 -11.85 -0.23
CA VAL A 12 -26.73 -12.14 1.07
C VAL A 12 -25.86 -13.38 0.98
N LEU A 13 -24.71 -13.35 1.67
CA LEU A 13 -23.82 -14.50 1.68
C LEU A 13 -24.35 -15.42 2.78
N MET A 14 -24.67 -16.66 2.43
CA MET A 14 -25.17 -17.58 3.43
C MET A 14 -24.00 -18.28 4.11
N ALA A 15 -24.28 -18.81 5.29
CA ALA A 15 -23.30 -19.50 6.12
C ALA A 15 -22.47 -20.56 5.42
N ASP A 16 -23.05 -21.21 4.41
CA ASP A 16 -22.35 -22.28 3.72
C ASP A 16 -21.64 -21.75 2.46
N GLY A 17 -21.63 -20.43 2.31
CA GLY A 17 -20.96 -19.83 1.17
C GLY A 17 -21.82 -19.62 -0.05
N SER A 18 -23.05 -20.11 -0.03
CA SER A 18 -23.93 -19.91 -1.16
C SER A 18 -24.51 -18.49 -1.08
N ILE A 19 -25.15 -18.05 -2.16
CA ILE A 19 -25.74 -16.71 -2.23
C ILE A 19 -27.26 -16.81 -2.29
N GLU A 20 -27.94 -15.85 -1.67
CA GLU A 20 -29.40 -15.87 -1.65
C GLU A 20 -29.95 -14.45 -1.60
N CYS A 21 -31.04 -14.23 -2.33
CA CYS A 21 -31.70 -12.92 -2.32
C CYS A 21 -32.37 -12.76 -0.96
N ILE A 22 -32.34 -11.55 -0.44
CA ILE A 22 -32.89 -11.25 0.88
C ILE A 22 -34.34 -11.68 1.11
N GLU A 23 -35.18 -11.60 0.07
CA GLU A 23 -36.59 -12.00 0.21
C GLU A 23 -36.72 -13.51 0.34
N ASN A 24 -35.74 -14.23 -0.17
CA ASN A 24 -35.78 -15.69 -0.13
C ASN A 24 -35.23 -16.34 1.11
N ILE A 25 -34.60 -15.56 1.98
CA ILE A 25 -34.06 -16.15 3.19
C ILE A 25 -35.22 -16.35 4.16
N GLU A 26 -35.22 -17.47 4.85
CA GLU A 26 -36.29 -17.78 5.79
C GLU A 26 -35.78 -17.89 7.21
N VAL A 27 -36.71 -17.93 8.16
CA VAL A 27 -36.34 -18.05 9.55
C VAL A 27 -35.70 -19.41 9.69
N GLY A 28 -34.59 -19.47 10.43
CA GLY A 28 -33.91 -20.75 10.60
C GLY A 28 -32.69 -20.81 9.71
N ASN A 29 -32.68 -20.04 8.62
CA ASN A 29 -31.53 -20.03 7.73
C ASN A 29 -30.34 -19.45 8.46
N LYS A 30 -29.15 -19.67 7.91
CA LYS A 30 -27.93 -19.15 8.51
C LYS A 30 -27.12 -18.36 7.49
N VAL A 31 -26.94 -17.08 7.77
CA VAL A 31 -26.17 -16.19 6.91
C VAL A 31 -24.76 -16.14 7.47
N MET A 32 -23.81 -15.70 6.66
CA MET A 32 -22.41 -15.63 7.03
C MET A 32 -22.00 -14.49 7.95
N GLY A 33 -21.30 -14.84 9.03
CA GLY A 33 -20.80 -13.83 9.94
C GLY A 33 -19.39 -13.49 9.48
N LYS A 34 -18.93 -12.27 9.76
CA LYS A 34 -17.59 -11.83 9.38
C LYS A 34 -16.63 -12.86 9.95
N ASP A 35 -17.19 -13.58 10.92
CA ASP A 35 -16.59 -14.66 11.69
C ASP A 35 -16.10 -15.80 10.79
N GLY A 36 -16.85 -16.04 9.72
CA GLY A 36 -16.57 -17.13 8.81
C GLY A 36 -17.46 -18.21 9.39
N ARG A 37 -18.10 -17.85 10.51
CA ARG A 37 -19.01 -18.73 11.24
C ARG A 37 -20.46 -18.37 10.93
N PRO A 38 -21.40 -19.28 11.22
CA PRO A 38 -22.82 -19.00 10.94
C PRO A 38 -23.54 -18.03 11.88
N ARG A 39 -24.67 -17.53 11.43
CA ARG A 39 -25.50 -16.64 12.22
C ARG A 39 -26.94 -16.84 11.82
N GLU A 40 -27.67 -17.46 12.74
CA GLU A 40 -29.08 -17.80 12.55
C GLU A 40 -30.03 -16.62 12.48
N VAL A 41 -30.90 -16.67 11.48
CA VAL A 41 -31.90 -15.65 11.25
C VAL A 41 -33.11 -16.05 12.10
N ILE A 42 -33.47 -15.19 13.04
CA ILE A 42 -34.60 -15.52 13.92
C ILE A 42 -35.88 -14.80 13.53
N LYS A 43 -35.76 -13.68 12.83
CA LYS A 43 -36.94 -12.95 12.40
C LYS A 43 -36.70 -12.22 11.08
N LEU A 44 -37.76 -12.04 10.30
CA LEU A 44 -37.64 -11.35 9.02
C LEU A 44 -38.56 -10.14 8.91
N PRO A 45 -38.12 -8.99 9.43
CA PRO A 45 -38.87 -7.73 9.43
C PRO A 45 -39.23 -7.25 8.02
N ARG A 46 -40.48 -6.85 7.83
CA ARG A 46 -40.95 -6.36 6.54
C ARG A 46 -41.63 -5.00 6.70
N GLY A 47 -41.96 -4.36 5.59
CA GLY A 47 -42.62 -3.07 5.66
C GLY A 47 -42.24 -2.14 4.52
N ARG A 48 -42.60 -0.87 4.67
CA ARG A 48 -42.27 0.14 3.68
C ARG A 48 -41.63 1.33 4.36
N GLU A 49 -40.63 1.91 3.71
CA GLU A 49 -39.91 3.05 4.24
C GLU A 49 -39.04 3.67 3.17
N THR A 50 -38.66 4.93 3.37
CA THR A 50 -37.79 5.58 2.42
C THR A 50 -36.57 4.68 2.31
N MET A 51 -36.05 4.50 1.10
CA MET A 51 -34.89 3.66 0.91
C MET A 51 -33.67 4.52 0.58
N TYR A 52 -32.50 4.07 1.02
CA TYR A 52 -31.26 4.79 0.75
C TYR A 52 -30.32 3.85 0.01
N SER A 53 -29.59 4.38 -0.97
CA SER A 53 -28.64 3.59 -1.73
C SER A 53 -27.22 3.87 -1.24
N VAL A 54 -26.45 2.80 -1.08
CA VAL A 54 -25.07 2.90 -0.65
C VAL A 54 -24.16 2.39 -1.77
N VAL A 55 -23.15 3.17 -2.14
CA VAL A 55 -22.21 2.71 -3.17
C VAL A 55 -20.80 3.22 -2.88
N GLN A 56 -19.81 2.36 -3.07
CA GLN A 56 -18.42 2.76 -2.86
C GLN A 56 -18.11 3.89 -3.83
N LYS A 57 -17.50 4.94 -3.31
CA LYS A 57 -17.13 6.10 -4.10
C LYS A 57 -16.03 5.69 -5.08
N SER A 58 -16.39 5.45 -6.34
CA SER A 58 -15.40 5.09 -7.35
C SER A 58 -15.75 5.75 -8.66
N GLN A 59 -14.90 5.56 -9.66
CA GLN A 59 -15.14 6.14 -10.97
C GLN A 59 -16.01 5.22 -11.81
N HIS A 60 -16.44 4.12 -11.21
CA HIS A 60 -17.27 3.13 -11.89
C HIS A 60 -18.76 3.46 -11.74
N ARG A 61 -19.56 2.42 -11.51
CA ARG A 61 -21.01 2.56 -11.34
C ARG A 61 -21.70 2.70 -12.70
N ALA A 62 -22.11 1.58 -13.28
CA ALA A 62 -22.78 1.59 -14.58
C ALA A 62 -23.38 0.23 -14.93
N HIS A 63 -22.52 -0.73 -15.25
CA HIS A 63 -22.95 -2.09 -15.60
C HIS A 63 -24.03 -2.63 -14.66
N LYS A 64 -25.29 -2.55 -15.10
CA LYS A 64 -26.41 -3.02 -14.28
C LYS A 64 -27.51 -3.68 -15.10
N SER A 65 -27.52 -3.44 -16.41
CA SER A 65 -28.51 -4.02 -17.32
C SER A 65 -28.02 -3.89 -18.76
N ASP A 66 -26.74 -3.57 -18.91
CA ASP A 66 -26.13 -3.41 -20.22
C ASP A 66 -25.16 -4.55 -20.52
N SER A 67 -24.07 -4.21 -21.18
CA SER A 67 -23.04 -5.16 -21.52
C SER A 67 -22.10 -5.21 -20.33
N SER A 68 -21.08 -6.06 -20.40
CA SER A 68 -20.14 -6.20 -19.31
C SER A 68 -18.85 -5.43 -19.50
N ARG A 69 -18.69 -4.76 -20.63
CA ARG A 69 -17.47 -4.00 -20.88
C ARG A 69 -17.19 -3.00 -19.76
N GLU A 70 -18.25 -2.35 -19.29
CA GLU A 70 -18.12 -1.35 -18.24
C GLU A 70 -17.85 -1.97 -16.87
N VAL A 71 -16.75 -1.56 -16.26
CA VAL A 71 -16.39 -2.07 -14.94
C VAL A 71 -17.50 -1.71 -13.95
N PRO A 72 -18.14 -2.72 -13.36
CA PRO A 72 -19.21 -2.43 -12.40
C PRO A 72 -18.62 -2.15 -11.02
N GLU A 73 -19.41 -1.50 -10.16
CA GLU A 73 -18.98 -1.22 -8.80
C GLU A 73 -19.78 -2.18 -7.94
N LEU A 74 -19.11 -3.22 -7.45
CA LEU A 74 -19.76 -4.24 -6.64
C LEU A 74 -20.05 -3.87 -5.19
N LEU A 75 -19.27 -2.96 -4.62
CA LEU A 75 -19.51 -2.58 -3.24
C LEU A 75 -20.68 -1.60 -3.16
N LYS A 76 -21.86 -2.15 -2.92
CA LYS A 76 -23.08 -1.36 -2.84
C LYS A 76 -24.25 -2.16 -2.31
N PHE A 77 -25.33 -1.46 -2.00
CA PHE A 77 -26.55 -2.09 -1.50
C PHE A 77 -27.56 -1.00 -1.17
N THR A 78 -28.84 -1.36 -1.18
CA THR A 78 -29.88 -0.40 -0.85
C THR A 78 -30.53 -0.84 0.45
N CYS A 79 -30.74 0.11 1.36
CA CYS A 79 -31.34 -0.20 2.65
C CYS A 79 -32.40 0.82 3.01
N ASN A 80 -33.18 0.53 4.06
CA ASN A 80 -34.21 1.46 4.49
C ASN A 80 -33.58 2.54 5.35
N ALA A 81 -34.29 3.65 5.50
CA ALA A 81 -33.81 4.80 6.27
C ALA A 81 -33.27 4.53 7.66
N THR A 82 -33.81 3.51 8.34
CA THR A 82 -33.36 3.24 9.70
C THR A 82 -32.28 2.19 9.84
N HIS A 83 -31.94 1.54 8.74
CA HIS A 83 -30.90 0.52 8.78
C HIS A 83 -29.59 1.14 9.26
N GLU A 84 -28.90 0.45 10.17
N GLU A 84 -28.90 0.45 10.17
CA GLU A 84 -27.64 0.93 10.71
CA GLU A 84 -27.64 0.93 10.72
C GLU A 84 -26.45 0.51 9.86
C GLU A 84 -26.44 0.51 9.87
N LEU A 85 -25.69 1.50 9.40
CA LEU A 85 -24.51 1.26 8.60
C LEU A 85 -23.34 0.96 9.54
N VAL A 86 -22.61 -0.12 9.27
CA VAL A 86 -21.46 -0.47 10.09
C VAL A 86 -20.29 0.37 9.58
N VAL A 87 -19.89 1.34 10.38
CA VAL A 87 -18.83 2.26 9.97
C VAL A 87 -17.61 2.37 10.86
N ARG A 88 -16.59 3.01 10.28
CA ARG A 88 -15.34 3.27 10.97
C ARG A 88 -14.88 4.68 10.59
N THR A 89 -14.32 5.38 11.57
CA THR A 89 -13.78 6.71 11.34
C THR A 89 -12.45 6.68 12.07
N PRO A 90 -11.38 7.20 11.44
CA PRO A 90 -10.10 7.17 12.16
C PRO A 90 -10.07 8.10 13.35
N ARG A 91 -9.24 7.76 14.33
CA ARG A 91 -9.09 8.64 15.47
C ARG A 91 -8.14 9.68 14.90
N SER A 92 -8.23 10.91 15.36
CA SER A 92 -7.36 11.96 14.84
C SER A 92 -7.15 13.09 15.85
N VAL A 93 -5.93 13.59 15.91
CA VAL A 93 -5.60 14.69 16.80
C VAL A 93 -4.53 15.59 16.21
N ARG A 94 -4.82 16.88 16.12
CA ARG A 94 -3.91 17.88 15.57
C ARG A 94 -3.81 19.10 16.50
N VAL A 108 -6.45 22.73 19.57
CA VAL A 108 -6.26 21.29 19.38
C VAL A 108 -7.54 20.64 18.87
N ILE A 109 -7.50 20.17 17.63
CA ILE A 109 -8.66 19.55 17.01
C ILE A 109 -8.61 18.03 17.10
N THR A 110 -9.75 17.43 17.42
CA THR A 110 -9.81 15.98 17.54
C THR A 110 -11.14 15.41 17.07
N PHE A 111 -11.14 14.10 16.83
CA PHE A 111 -12.33 13.38 16.44
C PHE A 111 -12.68 12.60 17.70
N GLU A 112 -13.91 12.76 18.19
CA GLU A 112 -14.34 12.05 19.39
C GLU A 112 -15.78 11.62 19.25
N MET A 113 -16.18 10.64 20.04
CA MET A 113 -17.55 10.16 20.00
C MET A 113 -18.36 11.24 20.69
N GLY A 114 -19.46 11.65 20.07
CA GLY A 114 -20.28 12.69 20.67
C GLY A 114 -21.77 12.47 20.46
N GLN A 115 -22.53 13.56 20.54
CA GLN A 115 -23.97 13.51 20.36
C GLN A 115 -24.43 14.71 19.54
N LYS A 116 -25.49 14.53 18.79
CA LYS A 116 -26.03 15.61 17.97
C LYS A 116 -27.55 15.48 17.95
N LYS A 117 -28.22 16.60 18.18
CA LYS A 117 -29.66 16.66 18.19
C LYS A 117 -30.20 16.38 16.79
N ALA A 118 -30.79 15.22 16.58
CA ALA A 118 -31.34 14.89 15.28
C ALA A 118 -32.60 15.72 15.08
N PRO A 119 -32.92 16.05 13.82
CA PRO A 119 -34.13 16.85 13.54
C PRO A 119 -35.34 16.30 14.28
N ASP A 120 -35.63 15.02 14.06
CA ASP A 120 -36.77 14.37 14.67
C ASP A 120 -36.69 14.34 16.20
N GLY A 121 -35.70 15.04 16.75
CA GLY A 121 -35.55 15.08 18.19
C GLY A 121 -34.77 13.93 18.78
N ARG A 122 -34.38 12.96 17.96
CA ARG A 122 -33.61 11.84 18.47
C ARG A 122 -32.20 12.30 18.80
N ILE A 123 -31.63 11.76 19.87
CA ILE A 123 -30.28 12.09 20.28
C ILE A 123 -29.42 10.95 19.77
N VAL A 124 -28.62 11.23 18.74
CA VAL A 124 -27.77 10.21 18.14
C VAL A 124 -26.28 10.35 18.40
N GLU A 125 -25.67 9.25 18.78
CA GLU A 125 -24.24 9.20 19.04
C GLU A 125 -23.52 9.16 17.69
N LEU A 126 -22.53 10.01 17.52
CA LEU A 126 -21.77 10.05 16.29
C LEU A 126 -20.40 10.64 16.52
N VAL A 127 -19.46 10.34 15.63
CA VAL A 127 -18.12 10.88 15.78
C VAL A 127 -18.17 12.35 15.38
N LYS A 128 -17.52 13.19 16.16
CA LYS A 128 -17.52 14.61 15.87
C LYS A 128 -16.14 15.25 16.00
N GLU A 129 -15.93 16.32 15.24
CA GLU A 129 -14.68 17.05 15.29
C GLU A 129 -14.84 18.13 16.35
N VAL A 130 -13.97 18.13 17.34
CA VAL A 130 -14.04 19.12 18.41
C VAL A 130 -12.69 19.80 18.60
N SER A 131 -12.70 20.97 19.24
CA SER A 131 -11.48 21.71 19.48
C SER A 131 -11.52 22.50 20.78
N LYS A 132 -10.46 22.40 21.56
CA LYS A 132 -10.34 23.12 22.82
C LYS A 132 -9.17 24.08 22.74
N SER A 133 -9.49 25.38 22.71
CA SER A 133 -8.49 26.42 22.61
C SER A 133 -8.18 27.04 23.97
N TYR A 134 -6.94 26.90 24.44
CA TYR A 134 -6.56 27.47 25.73
C TYR A 134 -5.42 28.49 25.62
N PRO A 135 -5.44 29.52 26.48
CA PRO A 135 -4.47 30.62 26.57
C PRO A 135 -3.02 30.25 26.29
N ILE A 136 -2.37 31.07 25.47
CA ILE A 136 -0.98 30.87 25.09
C ILE A 136 -0.04 30.93 26.29
N SER A 137 1.26 30.94 26.02
CA SER A 137 2.28 31.01 27.05
C SER A 137 2.02 30.04 28.20
N GLU A 138 2.18 28.75 27.91
CA GLU A 138 1.98 27.66 28.85
C GLU A 138 1.73 26.40 28.04
N GLY A 139 1.93 26.52 26.73
CA GLY A 139 1.73 25.42 25.80
C GLY A 139 2.08 24.04 26.32
N PRO A 140 3.28 23.85 26.92
CA PRO A 140 3.69 22.55 27.44
C PRO A 140 2.56 21.75 28.09
N GLU A 141 2.29 22.01 29.37
CA GLU A 141 1.23 21.30 30.08
C GLU A 141 -0.14 21.67 29.53
N ARG A 142 -0.18 22.73 28.73
CA ARG A 142 -1.41 23.23 28.14
C ARG A 142 -2.12 22.18 27.27
N ALA A 143 -2.13 22.42 25.97
CA ALA A 143 -2.78 21.52 25.01
C ALA A 143 -1.98 20.23 24.80
N ASN A 144 -0.67 20.37 24.70
CA ASN A 144 0.21 19.23 24.48
C ASN A 144 0.03 18.16 25.54
N GLU A 145 -0.82 18.43 26.52
CA GLU A 145 -1.09 17.48 27.59
C GLU A 145 -2.13 16.48 27.09
N LEU A 146 -3.11 17.01 26.36
CA LEU A 146 -4.20 16.22 25.81
C LEU A 146 -3.73 15.33 24.67
N VAL A 147 -3.05 15.93 23.69
CA VAL A 147 -2.54 15.19 22.55
C VAL A 147 -1.95 13.85 22.96
N GLU A 148 -1.05 13.88 23.94
CA GLU A 148 -0.40 12.68 24.42
C GLU A 148 -1.42 11.73 25.06
N SER A 149 -2.42 12.30 25.72
CA SER A 149 -3.45 11.50 26.36
C SER A 149 -4.41 10.91 25.33
N TYR A 150 -4.69 11.68 24.29
CA TYR A 150 -5.58 11.23 23.22
C TYR A 150 -4.87 10.12 22.47
N ARG A 151 -3.62 10.36 22.11
CA ARG A 151 -2.82 9.38 21.38
C ARG A 151 -2.69 8.08 22.16
N LYS A 152 -2.90 8.16 23.47
CA LYS A 152 -2.80 6.98 24.32
C LYS A 152 -4.17 6.51 24.75
N ALA A 153 -5.19 7.31 24.43
CA ALA A 153 -6.57 7.01 24.78
C ALA A 153 -7.01 5.63 24.29
N SER A 154 -6.74 5.35 23.01
CA SER A 154 -7.13 4.07 22.44
C SER A 154 -6.04 3.41 21.61
N ASN A 155 -5.89 2.10 21.81
CA ASN A 155 -4.92 1.30 21.08
C ASN A 155 -5.35 1.22 19.62
N LYS A 156 -6.66 1.08 19.42
CA LYS A 156 -7.24 1.00 18.08
C LYS A 156 -7.17 2.40 17.46
N ALA A 157 -6.62 2.50 16.24
CA ALA A 157 -6.47 3.78 15.57
C ALA A 157 -7.74 4.26 14.88
N TYR A 158 -8.88 3.69 15.26
CA TYR A 158 -10.15 4.07 14.65
C TYR A 158 -11.36 3.80 15.51
N PHE A 159 -12.41 4.57 15.27
CA PHE A 159 -13.66 4.41 15.96
C PHE A 159 -14.41 3.36 15.17
N GLU A 160 -15.16 2.53 15.89
CA GLU A 160 -15.93 1.48 15.28
C GLU A 160 -17.35 1.60 15.83
N TRP A 161 -18.25 2.22 15.08
CA TRP A 161 -19.62 2.37 15.56
C TRP A 161 -20.63 2.24 14.41
N THR A 162 -21.89 2.55 14.69
CA THR A 162 -22.92 2.42 13.65
C THR A 162 -23.75 3.68 13.51
N ILE A 163 -24.45 3.82 12.40
CA ILE A 163 -25.30 4.97 12.19
C ILE A 163 -26.35 4.75 11.11
N GLU A 164 -27.62 4.92 11.50
CA GLU A 164 -28.73 4.74 10.56
C GLU A 164 -28.49 5.59 9.32
N ALA A 165 -28.88 5.08 8.17
CA ALA A 165 -28.67 5.80 6.92
C ALA A 165 -29.21 7.23 6.95
N ARG A 166 -30.38 7.42 7.56
CA ARG A 166 -30.98 8.75 7.64
C ARG A 166 -30.14 9.74 8.44
N ASP A 167 -29.37 9.23 9.39
CA ASP A 167 -28.55 10.09 10.25
C ASP A 167 -27.16 10.45 9.72
N LEU A 168 -26.74 9.81 8.63
CA LEU A 168 -25.42 10.08 8.08
C LEU A 168 -25.22 11.58 7.80
N SER A 169 -26.25 12.23 7.30
CA SER A 169 -26.18 13.66 6.98
C SER A 169 -25.98 14.58 8.18
N LEU A 170 -25.95 14.03 9.39
CA LEU A 170 -25.73 14.82 10.59
C LEU A 170 -24.23 15.05 10.84
N LEU A 171 -23.42 14.15 10.29
CA LEU A 171 -21.97 14.24 10.46
C LEU A 171 -21.39 15.52 9.86
N GLY A 172 -20.37 16.06 10.52
CA GLY A 172 -19.72 17.25 10.01
C GLY A 172 -18.95 16.87 8.75
N SER A 173 -18.48 17.87 8.01
CA SER A 173 -17.74 17.66 6.78
C SER A 173 -16.57 16.68 6.91
N HIS A 174 -15.62 17.01 7.79
CA HIS A 174 -14.44 16.18 8.00
C HIS A 174 -14.71 14.75 8.45
N VAL A 175 -15.57 14.59 9.43
CA VAL A 175 -15.89 13.25 9.92
C VAL A 175 -16.56 12.44 8.81
N ARG A 176 -17.56 13.03 8.16
CA ARG A 176 -18.25 12.33 7.09
C ARG A 176 -17.29 11.81 6.01
N LYS A 177 -16.45 12.70 5.51
CA LYS A 177 -15.50 12.35 4.47
C LYS A 177 -14.49 11.31 4.93
N ALA A 178 -14.22 11.25 6.23
CA ALA A 178 -13.27 10.27 6.73
C ALA A 178 -13.89 8.96 7.20
N THR A 179 -15.21 8.91 7.30
CA THR A 179 -15.89 7.70 7.75
C THR A 179 -16.08 6.71 6.59
N TYR A 180 -15.91 5.42 6.88
CA TYR A 180 -16.07 4.42 5.84
C TYR A 180 -16.75 3.15 6.33
N GLN A 181 -17.20 2.36 5.36
CA GLN A 181 -17.82 1.08 5.67
C GLN A 181 -16.77 0.02 5.40
N THR A 182 -17.06 -1.24 5.74
CA THR A 182 -16.09 -2.30 5.55
C THR A 182 -16.63 -3.56 4.93
N TYR A 183 -15.70 -4.35 4.39
CA TYR A 183 -16.05 -5.64 3.84
C TYR A 183 -15.03 -6.56 4.49
N ALA A 184 -15.48 -7.77 4.83
CA ALA A 184 -14.63 -8.73 5.49
C ALA A 184 -14.15 -9.80 4.53
N PRO A 185 -12.99 -10.39 4.81
CA PRO A 185 -12.54 -11.42 3.89
C PRO A 185 -13.50 -12.61 4.12
N ILE A 186 -13.51 -13.58 3.21
CA ILE A 186 -14.36 -14.74 3.40
C ILE A 186 -13.48 -15.82 4.03
N LEU A 187 -13.53 -15.91 5.36
CA LEU A 187 -12.74 -16.86 6.11
C LEU A 187 -13.24 -18.29 5.98
N TYR A 188 -14.55 -18.41 5.79
CA TYR A 188 -15.16 -19.73 5.63
C TYR A 188 -14.49 -20.46 4.46
N GLU A 189 -14.48 -21.79 4.49
CA GLU A 189 -13.86 -22.56 3.42
C GLU A 189 -14.59 -23.85 3.05
N ASN A 190 -15.08 -23.93 1.81
CA ASN A 190 -15.71 -25.15 1.32
C ASN A 190 -14.51 -25.97 0.85
N ASP A 191 -14.77 -27.13 0.27
CA ASP A 191 -13.67 -27.96 -0.19
C ASP A 191 -13.99 -28.59 -1.54
N HIS A 192 -14.71 -27.83 -2.37
CA HIS A 192 -15.12 -28.29 -3.69
C HIS A 192 -13.95 -28.55 -4.64
N PHE A 193 -12.90 -27.73 -4.55
CA PHE A 193 -11.75 -27.94 -5.43
C PHE A 193 -11.17 -29.31 -5.13
N PHE A 194 -10.83 -29.58 -3.88
CA PHE A 194 -10.28 -30.87 -3.48
C PHE A 194 -11.27 -31.99 -3.79
N ASP A 195 -12.54 -31.76 -3.53
CA ASP A 195 -13.58 -32.76 -3.77
C ASP A 195 -13.62 -33.19 -5.23
N TYR A 196 -13.52 -32.22 -6.13
CA TYR A 196 -13.54 -32.50 -7.55
C TYR A 196 -12.36 -33.41 -7.95
N MET A 197 -11.18 -33.08 -7.44
CA MET A 197 -9.99 -33.86 -7.75
C MET A 197 -10.08 -35.29 -7.23
N GLN A 198 -10.50 -35.43 -5.97
CA GLN A 198 -10.63 -36.74 -5.35
C GLN A 198 -11.65 -37.61 -6.07
N LYS A 199 -12.84 -37.06 -6.31
CA LYS A 199 -13.87 -37.82 -7.01
C LYS A 199 -13.56 -37.98 -8.49
N SER A 200 -12.51 -37.31 -8.96
CA SER A 200 -12.12 -37.43 -10.36
C SER A 200 -11.03 -38.48 -10.50
N LYS A 201 -10.68 -39.07 -9.36
CA LYS A 201 -9.65 -40.10 -9.29
C LYS A 201 -8.45 -39.79 -10.18
N THR A 205 -2.20 -36.68 -5.18
CA THR A 205 -1.09 -36.48 -4.24
C THR A 205 -1.33 -35.22 -3.39
N ILE A 206 -0.66 -35.15 -2.25
CA ILE A 206 -0.82 -34.01 -1.34
C ILE A 206 -0.59 -32.68 -2.03
N GLU A 207 0.32 -32.65 -3.00
CA GLU A 207 0.62 -31.42 -3.74
C GLU A 207 -0.38 -31.24 -4.88
N GLY A 208 -1.29 -32.20 -4.99
CA GLY A 208 -2.29 -32.17 -6.04
C GLY A 208 -3.03 -30.86 -6.22
N PRO A 209 -3.91 -30.50 -5.26
CA PRO A 209 -4.69 -29.26 -5.33
C PRO A 209 -3.83 -28.04 -5.62
N LYS A 210 -2.71 -27.93 -4.93
CA LYS A 210 -1.82 -26.80 -5.13
C LYS A 210 -1.43 -26.64 -6.59
N VAL A 211 -0.71 -27.62 -7.13
CA VAL A 211 -0.25 -27.51 -8.52
C VAL A 211 -1.38 -27.34 -9.52
N LEU A 212 -2.54 -27.93 -9.24
CA LEU A 212 -3.67 -27.82 -10.16
C LEU A 212 -4.16 -26.38 -10.18
N ALA A 213 -4.40 -25.82 -9.00
CA ALA A 213 -4.88 -24.43 -8.90
C ALA A 213 -3.90 -23.46 -9.58
N TYR A 214 -2.61 -23.68 -9.37
CA TYR A 214 -1.57 -22.85 -9.94
C TYR A 214 -1.63 -22.86 -11.47
N LEU A 215 -1.65 -24.08 -12.02
CA LEU A 215 -1.72 -24.29 -13.47
C LEU A 215 -3.01 -23.69 -14.04
N LEU A 216 -4.08 -23.75 -13.27
CA LEU A 216 -5.35 -23.18 -13.69
C LEU A 216 -5.13 -21.67 -13.76
N GLY A 217 -4.30 -21.17 -12.87
CA GLY A 217 -4.00 -19.75 -12.86
C GLY A 217 -3.27 -19.34 -14.12
N LEU A 218 -2.21 -20.08 -14.45
CA LEU A 218 -1.43 -19.81 -15.64
C LEU A 218 -2.28 -19.89 -16.90
N TRP A 219 -3.19 -20.85 -16.93
CA TRP A 219 -4.08 -21.05 -18.07
C TRP A 219 -5.07 -19.90 -18.22
N ILE A 220 -5.63 -19.44 -17.10
CA ILE A 220 -6.58 -18.34 -17.14
C ILE A 220 -5.87 -17.08 -17.61
N GLY A 221 -4.62 -16.91 -17.19
CA GLY A 221 -3.87 -15.73 -17.59
C GLY A 221 -3.55 -15.65 -19.07
N ASP A 222 -3.06 -16.74 -19.65
CA ASP A 222 -2.71 -16.71 -21.06
C ASP A 222 -2.79 -18.09 -21.74
N GLY A 223 -3.91 -18.77 -21.56
CA GLY A 223 -4.06 -20.08 -22.16
C GLY A 223 -4.96 -20.11 -23.38
N LEU A 224 -4.75 -21.11 -24.23
CA LEU A 224 -5.57 -21.28 -25.43
C LEU A 224 -6.93 -21.77 -24.96
N SER A 225 -7.99 -21.10 -25.39
CA SER A 225 -9.34 -21.45 -24.97
C SER A 225 -9.85 -22.84 -25.35
N ASP A 226 -9.06 -23.61 -26.09
CA ASP A 226 -9.51 -24.94 -26.49
C ASP A 226 -8.65 -26.10 -26.05
N ARG A 227 -7.52 -25.84 -25.41
CA ARG A 227 -6.66 -26.93 -24.98
C ARG A 227 -5.76 -26.55 -23.83
N ALA A 228 -5.22 -27.56 -23.17
CA ALA A 228 -4.34 -27.35 -22.03
C ALA A 228 -2.97 -26.85 -22.47
N THR A 229 -2.94 -25.60 -22.92
CA THR A 229 -1.69 -24.97 -23.34
C THR A 229 -1.75 -23.49 -22.98
N PHE A 230 -0.58 -22.93 -22.64
CA PHE A 230 -0.49 -21.53 -22.30
C PHE A 230 0.92 -21.04 -22.54
N SER A 231 1.22 -19.80 -22.16
CA SER A 231 2.55 -19.26 -22.37
C SER A 231 3.29 -19.02 -21.06
N VAL A 232 4.61 -18.96 -21.15
CA VAL A 232 5.48 -18.74 -19.99
C VAL A 232 6.67 -17.89 -20.42
N ASP A 233 7.18 -17.07 -19.50
CA ASP A 233 8.32 -16.23 -19.79
C ASP A 233 9.49 -17.13 -20.18
N SER A 234 9.97 -16.98 -21.41
CA SER A 234 11.08 -17.79 -21.91
C SER A 234 12.39 -17.50 -21.20
N ARG A 235 12.50 -16.31 -20.64
CA ARG A 235 13.71 -15.91 -19.94
C ARG A 235 13.69 -16.30 -18.46
N ASP A 236 12.48 -16.44 -17.90
CA ASP A 236 12.34 -16.80 -16.50
C ASP A 236 12.54 -18.30 -16.30
N THR A 237 13.80 -18.70 -16.12
CA THR A 237 14.15 -20.10 -15.94
C THR A 237 13.52 -20.79 -14.72
N SER A 238 13.32 -20.05 -13.63
CA SER A 238 12.74 -20.62 -12.42
C SER A 238 11.23 -20.86 -12.57
N LEU A 239 10.57 -20.04 -13.37
CA LEU A 239 9.13 -20.21 -13.60
C LEU A 239 8.90 -21.44 -14.45
N MET A 240 9.77 -21.65 -15.44
CA MET A 240 9.66 -22.80 -16.32
C MET A 240 9.93 -24.08 -15.51
N GLU A 241 10.86 -23.99 -14.56
CA GLU A 241 11.17 -25.15 -13.71
C GLU A 241 9.91 -25.47 -12.91
N ARG A 242 9.28 -24.42 -12.40
CA ARG A 242 8.05 -24.55 -11.63
C ARG A 242 6.98 -25.26 -12.46
N VAL A 243 6.76 -24.77 -13.68
CA VAL A 243 5.77 -25.36 -14.57
C VAL A 243 6.09 -26.84 -14.80
N THR A 244 7.32 -27.12 -15.21
CA THR A 244 7.74 -28.50 -15.44
C THR A 244 7.51 -29.34 -14.19
N GLU A 245 7.86 -28.76 -13.04
CA GLU A 245 7.70 -29.44 -11.76
C GLU A 245 6.24 -29.75 -11.43
N TYR A 246 5.42 -28.70 -11.43
CA TYR A 246 4.01 -28.83 -11.12
C TYR A 246 3.28 -29.74 -12.11
N ALA A 247 3.52 -29.54 -13.40
CA ALA A 247 2.88 -30.35 -14.42
C ALA A 247 3.26 -31.81 -14.17
N GLU A 248 4.45 -32.01 -13.63
CA GLU A 248 4.97 -33.33 -13.35
C GLU A 248 4.18 -34.01 -12.24
N LYS A 249 3.92 -33.28 -11.16
CA LYS A 249 3.18 -33.83 -10.02
C LYS A 249 1.78 -34.28 -10.40
N LEU A 250 1.33 -33.91 -11.59
CA LEU A 250 -0.01 -34.28 -12.07
C LEU A 250 0.02 -35.27 -13.22
N ASN A 251 1.21 -35.73 -13.57
CA ASN A 251 1.39 -36.66 -14.67
C ASN A 251 1.16 -35.94 -16.01
N LEU A 252 1.98 -34.94 -16.28
CA LEU A 252 1.89 -34.18 -17.53
C LEU A 252 3.27 -33.96 -18.12
N CYS A 253 3.56 -34.63 -19.24
CA CYS A 253 4.86 -34.52 -19.90
C CYS A 253 4.99 -33.16 -20.58
N ALA A 254 4.73 -32.09 -19.82
CA ALA A 254 4.79 -30.70 -20.30
C ALA A 254 5.86 -30.41 -21.34
N GLU A 255 5.44 -29.86 -22.48
CA GLU A 255 6.35 -29.53 -23.57
C GLU A 255 6.40 -28.04 -23.85
N TYR A 256 7.60 -27.53 -24.06
CA TYR A 256 7.80 -26.10 -24.35
C TYR A 256 8.09 -25.89 -25.82
N LYS A 257 7.65 -24.74 -26.34
CA LYS A 257 7.86 -24.40 -27.74
C LYS A 257 8.31 -22.96 -27.88
N ASP A 258 9.47 -22.76 -28.51
CA ASP A 258 10.01 -21.43 -28.71
C ASP A 258 9.08 -20.55 -29.54
N ARG A 259 9.18 -19.24 -29.31
CA ARG A 259 8.37 -18.26 -30.03
C ARG A 259 6.98 -18.12 -29.42
N LYS A 260 6.54 -16.86 -29.29
CA LYS A 260 5.23 -16.55 -28.73
C LYS A 260 5.07 -15.03 -28.88
N GLU A 261 6.07 -14.31 -28.37
CA GLU A 261 6.12 -12.85 -28.45
C GLU A 261 7.56 -12.56 -28.87
N PRO A 262 7.74 -11.79 -29.96
CA PRO A 262 9.08 -11.44 -30.45
C PRO A 262 10.21 -11.68 -29.45
N GLN A 263 10.52 -12.96 -29.27
CA GLN A 263 11.58 -13.40 -28.37
C GLN A 263 11.32 -13.03 -26.90
N VAL A 264 10.22 -13.52 -26.33
CA VAL A 264 9.90 -13.20 -24.93
C VAL A 264 9.16 -14.31 -24.21
N ALA A 265 8.05 -14.76 -24.79
CA ALA A 265 7.25 -15.81 -24.18
C ALA A 265 7.55 -17.15 -24.81
N LYS A 266 6.97 -18.20 -24.23
CA LYS A 266 7.16 -19.57 -24.72
C LYS A 266 5.89 -20.37 -24.54
N THR A 267 5.51 -21.14 -25.56
CA THR A 267 4.30 -21.95 -25.49
C THR A 267 4.55 -23.22 -24.68
N VAL A 268 3.55 -23.63 -23.91
CA VAL A 268 3.66 -24.83 -23.09
C VAL A 268 2.45 -25.72 -23.30
N ASN A 269 2.70 -26.94 -23.80
CA ASN A 269 1.62 -27.90 -24.02
C ASN A 269 1.73 -28.95 -22.92
N LEU A 270 0.68 -29.11 -22.14
CA LEU A 270 0.67 -30.11 -21.08
C LEU A 270 -0.11 -31.33 -21.54
N TYR A 271 0.60 -32.44 -21.75
CA TYR A 271 -0.03 -33.68 -22.19
C TYR A 271 -0.19 -34.63 -21.01
N SER A 272 -0.74 -35.81 -21.28
CA SER A 272 -0.94 -36.81 -20.23
C SER A 272 -0.23 -38.11 -20.61
N GLU A 287 -7.84 -38.95 -21.40
CA GLU A 287 -8.31 -37.62 -21.05
C GLU A 287 -7.21 -36.84 -20.34
N ASN A 288 -7.26 -35.51 -20.46
CA ASN A 288 -6.28 -34.65 -19.82
C ASN A 288 -6.80 -34.15 -18.47
N PRO A 289 -6.00 -34.32 -17.39
CA PRO A 289 -6.41 -33.88 -16.06
C PRO A 289 -6.61 -32.37 -15.96
N LEU A 290 -5.65 -31.61 -16.48
CA LEU A 290 -5.74 -30.16 -16.43
C LEU A 290 -6.93 -29.70 -17.27
N TRP A 291 -7.07 -30.28 -18.44
CA TRP A 291 -8.18 -29.90 -19.30
C TRP A 291 -9.54 -30.30 -18.73
N ASP A 292 -9.60 -31.47 -18.08
CA ASP A 292 -10.84 -31.93 -17.49
C ASP A 292 -11.27 -30.98 -16.39
N ALA A 293 -10.32 -30.45 -15.64
CA ALA A 293 -10.62 -29.51 -14.55
C ALA A 293 -11.12 -28.20 -15.14
N ILE A 294 -10.41 -27.68 -16.13
CA ILE A 294 -10.81 -26.43 -16.77
C ILE A 294 -12.30 -26.52 -17.06
N VAL A 295 -12.70 -27.58 -17.73
CA VAL A 295 -14.10 -27.78 -18.10
C VAL A 295 -14.99 -28.11 -16.89
N GLY A 296 -14.61 -29.15 -16.17
CA GLY A 296 -15.38 -29.59 -15.02
C GLY A 296 -15.62 -28.54 -13.95
N LEU A 297 -14.61 -27.74 -13.64
CA LEU A 297 -14.77 -26.73 -12.60
C LEU A 297 -15.34 -25.43 -13.14
N GLY A 298 -15.53 -25.36 -14.45
CA GLY A 298 -16.11 -24.18 -15.05
C GLY A 298 -15.19 -23.01 -15.34
N PHE A 299 -13.89 -23.27 -15.53
CA PHE A 299 -12.98 -22.17 -15.83
C PHE A 299 -13.19 -21.82 -17.30
N LEU A 300 -13.87 -22.70 -18.00
CA LEU A 300 -14.19 -22.50 -19.40
C LEU A 300 -15.65 -22.86 -19.51
N LYS A 301 -16.45 -21.95 -20.06
CA LYS A 301 -17.88 -22.22 -20.22
C LYS A 301 -18.39 -21.51 -21.46
N ASP A 302 -18.90 -22.27 -22.41
CA ASP A 302 -19.42 -21.66 -23.63
C ASP A 302 -18.26 -20.95 -24.34
N GLY A 303 -17.09 -21.57 -24.33
CA GLY A 303 -15.93 -20.97 -24.98
C GLY A 303 -15.41 -19.71 -24.32
N VAL A 304 -16.02 -19.28 -23.22
CA VAL A 304 -15.56 -18.08 -22.54
C VAL A 304 -14.88 -18.44 -21.22
N LYS A 305 -13.66 -17.94 -21.05
CA LYS A 305 -12.89 -18.17 -19.83
C LYS A 305 -13.51 -17.43 -18.67
N ASN A 306 -13.23 -17.91 -17.46
CA ASN A 306 -13.70 -17.23 -16.27
C ASN A 306 -13.25 -17.87 -14.98
N ILE A 307 -13.48 -17.16 -13.89
CA ILE A 307 -13.10 -17.61 -12.58
C ILE A 307 -14.38 -18.03 -11.88
N PRO A 308 -14.61 -19.35 -11.76
CA PRO A 308 -15.82 -19.83 -11.11
C PRO A 308 -16.00 -19.23 -9.72
N SER A 309 -17.22 -18.83 -9.43
CA SER A 309 -17.59 -18.21 -8.17
C SER A 309 -17.31 -19.03 -6.92
N PHE A 310 -17.38 -20.36 -7.04
CA PHE A 310 -17.16 -21.22 -5.88
C PHE A 310 -15.79 -20.94 -5.26
N LEU A 311 -14.84 -20.59 -6.10
CA LEU A 311 -13.48 -20.33 -5.66
C LEU A 311 -13.40 -19.34 -4.51
N SER A 312 -14.33 -18.39 -4.47
CA SER A 312 -14.35 -17.36 -3.43
C SER A 312 -14.63 -17.89 -2.02
N THR A 313 -15.24 -19.07 -1.93
CA THR A 313 -15.56 -19.65 -0.63
C THR A 313 -14.86 -21.00 -0.46
N ASP A 314 -13.87 -21.27 -1.29
CA ASP A 314 -13.17 -22.54 -1.19
C ASP A 314 -11.91 -22.43 -0.34
N ASN A 315 -11.06 -23.45 -0.38
CA ASN A 315 -9.82 -23.46 0.38
C ASN A 315 -9.01 -22.20 0.11
N ILE A 316 -8.65 -21.49 1.17
CA ILE A 316 -7.89 -20.25 1.08
C ILE A 316 -6.53 -20.43 0.39
N GLY A 317 -5.84 -21.53 0.71
CA GLY A 317 -4.56 -21.80 0.09
C GLY A 317 -4.76 -21.96 -1.40
N THR A 318 -5.87 -22.57 -1.77
CA THR A 318 -6.18 -22.80 -3.19
C THR A 318 -6.46 -21.47 -3.90
N ARG A 319 -7.17 -20.57 -3.24
CA ARG A 319 -7.44 -19.26 -3.85
C ARG A 319 -6.12 -18.54 -4.09
N GLU A 320 -5.23 -18.59 -3.10
CA GLU A 320 -3.94 -17.92 -3.19
C GLU A 320 -3.06 -18.49 -4.29
N THR A 321 -3.04 -19.81 -4.41
CA THR A 321 -2.21 -20.46 -5.41
C THR A 321 -2.72 -20.17 -6.82
N PHE A 322 -4.04 -20.15 -6.97
CA PHE A 322 -4.61 -19.86 -8.28
C PHE A 322 -4.16 -18.48 -8.71
N LEU A 323 -4.31 -17.52 -7.78
CA LEU A 323 -3.92 -16.12 -7.99
C LEU A 323 -2.45 -16.01 -8.36
N ALA A 324 -1.57 -16.69 -7.61
CA ALA A 324 -0.15 -16.67 -7.88
C ALA A 324 0.11 -17.16 -9.31
N GLY A 325 -0.68 -18.15 -9.73
CA GLY A 325 -0.55 -18.66 -11.08
C GLY A 325 -0.93 -17.55 -12.04
N LEU A 326 -2.06 -16.90 -11.74
CA LEU A 326 -2.54 -15.80 -12.57
C LEU A 326 -1.46 -14.71 -12.64
N ILE A 327 -0.87 -14.37 -11.49
CA ILE A 327 0.17 -13.35 -11.42
C ILE A 327 1.40 -13.74 -12.22
N ASP A 328 1.80 -15.01 -12.12
CA ASP A 328 2.98 -15.47 -12.86
C ASP A 328 2.74 -15.42 -14.38
N SER A 329 1.49 -15.58 -14.79
CA SER A 329 1.12 -15.59 -16.21
C SER A 329 1.06 -14.24 -16.91
N ASP A 330 0.17 -13.36 -16.44
CA ASP A 330 0.01 -12.05 -17.06
C ASP A 330 -0.23 -10.97 -16.01
N GLY A 331 0.79 -10.72 -15.19
CA GLY A 331 0.68 -9.71 -14.16
C GLY A 331 2.04 -9.20 -13.72
N TYR A 332 2.05 -8.22 -12.83
CA TYR A 332 3.31 -7.69 -12.33
C TYR A 332 3.19 -7.20 -10.89
N VAL A 333 4.34 -7.12 -10.23
CA VAL A 333 4.39 -6.70 -8.84
C VAL A 333 5.24 -5.47 -8.67
N THR A 334 4.72 -4.47 -7.97
CA THR A 334 5.47 -3.24 -7.72
C THR A 334 5.52 -3.10 -6.20
N ASP A 335 6.49 -2.34 -5.72
CA ASP A 335 6.60 -2.15 -4.28
C ASP A 335 6.97 -0.74 -3.85
N GLU A 336 7.07 0.18 -4.80
CA GLU A 336 7.42 1.55 -4.46
C GLU A 336 6.61 2.09 -3.28
N HIS A 337 5.31 2.25 -3.49
CA HIS A 337 4.45 2.78 -2.44
C HIS A 337 3.60 1.69 -1.81
N GLY A 338 4.25 0.59 -1.44
CA GLY A 338 3.54 -0.52 -0.83
C GLY A 338 3.48 -1.67 -1.83
N ILE A 339 3.62 -2.88 -1.34
CA ILE A 339 3.58 -4.07 -2.18
C ILE A 339 2.27 -4.07 -2.95
N LYS A 340 2.34 -4.24 -4.26
CA LYS A 340 1.12 -4.23 -5.06
C LYS A 340 1.25 -5.12 -6.28
N ALA A 341 0.21 -5.89 -6.54
CA ALA A 341 0.16 -6.79 -7.68
C ALA A 341 -0.92 -6.37 -8.64
N THR A 342 -0.63 -6.48 -9.93
CA THR A 342 -1.59 -6.11 -10.96
C THR A 342 -1.79 -7.29 -11.89
N ILE A 343 -3.04 -7.55 -12.26
CA ILE A 343 -3.35 -8.63 -13.19
C ILE A 343 -4.02 -7.98 -14.39
N LYS A 344 -3.64 -8.40 -15.58
CA LYS A 344 -4.22 -7.86 -16.81
C LYS A 344 -5.07 -8.94 -17.47
N THR A 345 -6.24 -8.55 -17.96
CA THR A 345 -7.15 -9.48 -18.62
C THR A 345 -8.09 -8.75 -19.59
N ILE A 346 -8.41 -9.41 -20.70
CA ILE A 346 -9.32 -8.84 -21.68
C ILE A 346 -10.70 -9.43 -21.48
N HIS A 347 -10.79 -10.46 -20.65
CA HIS A 347 -12.06 -11.16 -20.37
C HIS A 347 -12.82 -10.52 -19.21
N THR A 348 -14.01 -10.01 -19.50
CA THR A 348 -14.83 -9.38 -18.48
C THR A 348 -15.20 -10.35 -17.37
N SER A 349 -15.39 -11.62 -17.74
CA SER A 349 -15.75 -12.66 -16.79
C SER A 349 -14.59 -12.90 -15.82
N VAL A 350 -13.37 -12.90 -16.33
CA VAL A 350 -12.20 -13.09 -15.47
C VAL A 350 -12.07 -11.87 -14.55
N ARG A 351 -12.24 -10.67 -15.12
CA ARG A 351 -12.14 -9.42 -14.39
C ARG A 351 -12.99 -9.42 -13.10
N ASP A 352 -14.30 -9.57 -13.24
CA ASP A 352 -15.19 -9.55 -12.09
C ASP A 352 -14.97 -10.72 -11.13
N GLY A 353 -14.67 -11.89 -11.67
CA GLY A 353 -14.41 -13.04 -10.82
C GLY A 353 -13.15 -12.83 -10.02
N LEU A 354 -12.13 -12.25 -10.66
CA LEU A 354 -10.86 -11.97 -10.01
C LEU A 354 -11.11 -11.02 -8.83
N VAL A 355 -11.82 -9.92 -9.10
CA VAL A 355 -12.13 -8.92 -8.10
C VAL A 355 -12.75 -9.58 -6.86
N SER A 356 -13.73 -10.44 -7.10
CA SER A 356 -14.43 -11.15 -6.03
C SER A 356 -13.49 -12.07 -5.28
N LEU A 357 -12.66 -12.80 -6.01
CA LEU A 357 -11.74 -13.73 -5.40
C LEU A 357 -10.68 -12.98 -4.59
N ALA A 358 -10.11 -11.95 -5.19
CA ALA A 358 -9.09 -11.15 -4.52
C ALA A 358 -9.63 -10.61 -3.19
N ARG A 359 -10.84 -10.07 -3.22
CA ARG A 359 -11.42 -9.54 -1.99
C ARG A 359 -11.80 -10.63 -1.00
N SER A 360 -12.15 -11.82 -1.50
CA SER A 360 -12.50 -12.92 -0.60
C SER A 360 -11.33 -13.23 0.34
N LEU A 361 -10.11 -12.90 -0.09
CA LEU A 361 -8.91 -13.14 0.73
C LEU A 361 -8.64 -11.98 1.67
N GLY A 362 -9.32 -10.86 1.45
CA GLY A 362 -9.10 -9.70 2.29
C GLY A 362 -8.13 -8.73 1.63
N LEU A 363 -7.93 -8.89 0.32
CA LEU A 363 -7.07 -7.98 -0.41
C LEU A 363 -7.83 -6.70 -0.72
N VAL A 364 -7.10 -5.61 -0.91
CA VAL A 364 -7.72 -4.34 -1.28
C VAL A 364 -7.65 -4.41 -2.81
N VAL A 365 -8.79 -4.22 -3.46
CA VAL A 365 -8.83 -4.34 -4.91
C VAL A 365 -9.35 -3.12 -5.64
N SER A 366 -8.70 -2.82 -6.76
CA SER A 366 -9.03 -1.70 -7.62
C SER A 366 -9.03 -2.18 -9.07
N VAL A 367 -9.89 -1.59 -9.91
CA VAL A 367 -9.96 -1.97 -11.31
C VAL A 367 -9.93 -0.76 -12.22
N ASN A 368 -9.20 -0.87 -13.32
CA ASN A 368 -9.08 0.23 -14.27
C ASN A 368 -9.05 -0.29 -15.70
N ALA A 369 -9.88 0.31 -16.55
CA ALA A 369 -9.90 -0.07 -17.95
C ALA A 369 -8.84 0.78 -18.63
N GLU A 370 -8.00 0.15 -19.42
CA GLU A 370 -6.95 0.85 -20.12
C GLU A 370 -6.87 0.35 -21.55
N PRO A 371 -6.02 0.96 -22.39
CA PRO A 371 -5.91 0.49 -23.78
C PRO A 371 -5.36 -0.92 -23.77
N ALA A 372 -5.77 -1.72 -24.75
CA ALA A 372 -5.32 -3.11 -24.83
C ALA A 372 -4.19 -3.30 -25.84
N LYS A 373 -3.42 -4.38 -25.67
CA LYS A 373 -2.32 -4.71 -26.57
C LYS A 373 -2.81 -5.52 -27.75
N VAL A 374 -1.90 -5.81 -28.68
CA VAL A 374 -2.22 -6.59 -29.86
C VAL A 374 -1.46 -7.91 -29.80
N ASP A 375 -1.91 -8.92 -30.54
CA ASP A 375 -1.27 -10.23 -30.58
C ASP A 375 -1.28 -10.71 -32.03
N GLY A 378 -2.22 -10.16 -32.78
CA GLY A 378 -2.45 -10.46 -34.18
C GLY A 378 -3.79 -9.81 -34.41
N THR A 379 -4.63 -9.91 -33.39
CA THR A 379 -5.97 -9.33 -33.36
C THR A 379 -5.92 -8.14 -32.42
N LYS A 380 -6.69 -7.10 -32.70
CA LYS A 380 -6.67 -5.93 -31.83
C LYS A 380 -7.87 -5.85 -30.90
N HIS A 381 -7.58 -5.84 -29.60
CA HIS A 381 -8.61 -5.74 -28.58
C HIS A 381 -8.62 -4.26 -28.20
N LYS A 382 -9.80 -3.69 -28.00
CA LYS A 382 -9.85 -2.29 -27.65
C LYS A 382 -9.55 -2.06 -26.17
N ILE A 383 -10.31 -2.72 -25.32
CA ILE A 383 -10.16 -2.56 -23.89
C ILE A 383 -9.58 -3.73 -23.12
N SER A 384 -8.73 -3.40 -22.17
CA SER A 384 -8.09 -4.37 -21.30
C SER A 384 -8.38 -3.93 -19.88
N TYR A 385 -8.43 -4.87 -18.94
CA TYR A 385 -8.71 -4.54 -17.57
C TYR A 385 -7.52 -4.81 -16.66
N ALA A 386 -7.18 -3.82 -15.84
CA ALA A 386 -6.08 -3.97 -14.90
C ALA A 386 -6.65 -4.02 -13.49
N ILE A 387 -6.43 -5.15 -12.81
CA ILE A 387 -6.89 -5.32 -11.45
C ILE A 387 -5.70 -5.13 -10.52
N TYR A 388 -5.76 -4.11 -9.67
CA TYR A 388 -4.67 -3.85 -8.74
C TYR A 388 -5.03 -4.38 -7.37
N MET A 389 -4.11 -5.15 -6.78
CA MET A 389 -4.34 -5.73 -5.46
C MET A 389 -3.24 -5.32 -4.48
N SER A 390 -3.64 -5.00 -3.26
CA SER A 390 -2.70 -4.63 -2.21
C SER A 390 -3.23 -5.23 -0.90
N GLY A 391 -2.44 -5.19 0.16
CA GLY A 391 -2.91 -5.75 1.41
C GLY A 391 -1.84 -6.27 2.34
N GLY A 392 -0.60 -5.79 2.20
CA GLY A 392 0.46 -6.23 3.08
C GLY A 392 0.63 -7.74 3.14
N ASP A 393 0.55 -8.32 4.34
CA ASP A 393 0.74 -9.76 4.50
C ASP A 393 -0.23 -10.63 3.72
N VAL A 394 -1.46 -10.14 3.52
CA VAL A 394 -2.43 -10.93 2.77
C VAL A 394 -1.87 -11.14 1.36
N LEU A 395 -1.38 -10.07 0.74
CA LEU A 395 -0.80 -10.16 -0.59
C LEU A 395 0.49 -10.98 -0.55
N LEU A 396 1.32 -10.70 0.44
CA LEU A 396 2.58 -11.40 0.60
C LEU A 396 2.31 -12.91 0.65
N ASN A 397 1.18 -13.30 1.25
CA ASN A 397 0.83 -14.72 1.34
C ASN A 397 0.41 -15.30 -0.01
N VAL A 398 0.18 -14.44 -0.99
CA VAL A 398 -0.19 -14.93 -2.31
C VAL A 398 1.11 -15.00 -3.11
N LEU A 399 1.85 -13.90 -3.12
CA LEU A 399 3.09 -13.80 -3.87
C LEU A 399 4.18 -14.81 -3.50
N SER A 400 4.17 -15.29 -2.26
CA SER A 400 5.17 -16.25 -1.82
C SER A 400 4.91 -17.63 -2.42
N LYS A 401 3.87 -17.73 -3.24
CA LYS A 401 3.53 -18.99 -3.92
C LYS A 401 3.87 -18.88 -5.41
N CYS A 402 4.21 -17.67 -5.86
CA CYS A 402 4.59 -17.44 -7.24
C CYS A 402 5.99 -17.99 -7.48
N ALA A 403 6.31 -18.30 -8.73
CA ALA A 403 7.62 -18.79 -9.08
C ALA A 403 8.30 -17.74 -9.96
N GLY A 404 7.50 -16.78 -10.39
CA GLY A 404 8.01 -15.71 -11.24
C GLY A 404 9.13 -14.91 -10.60
N SER A 405 10.25 -14.82 -11.33
CA SER A 405 11.42 -14.10 -10.87
C SER A 405 11.08 -12.81 -10.13
N LYS A 406 10.35 -11.93 -10.81
CA LYS A 406 9.96 -10.65 -10.24
C LYS A 406 8.59 -10.66 -9.57
N LYS A 407 7.96 -11.82 -9.53
CA LYS A 407 6.65 -11.96 -8.94
C LYS A 407 6.73 -12.37 -7.47
N PHE A 408 7.52 -13.41 -7.22
CA PHE A 408 7.70 -13.94 -5.87
C PHE A 408 8.14 -12.90 -4.85
N ARG A 409 7.62 -13.04 -3.64
CA ARG A 409 7.98 -12.19 -2.52
C ARG A 409 7.96 -13.16 -1.37
N PRO A 410 8.89 -13.01 -0.41
CA PRO A 410 8.93 -13.90 0.75
C PRO A 410 7.65 -13.85 1.55
N ALA A 411 7.25 -15.00 2.10
CA ALA A 411 6.05 -15.09 2.91
C ALA A 411 6.17 -14.17 4.12
N PRO A 412 5.04 -13.81 4.75
CA PRO A 412 5.04 -12.93 5.92
C PRO A 412 6.04 -13.36 7.00
N ALA A 413 6.51 -12.38 7.75
CA ALA A 413 7.49 -12.60 8.80
C ALA A 413 6.87 -13.35 9.97
N ALA A 414 5.56 -13.24 10.12
CA ALA A 414 4.87 -13.90 11.21
C ALA A 414 3.43 -14.22 10.86
N ALA A 415 2.64 -14.61 11.86
CA ALA A 415 1.25 -14.93 11.65
C ALA A 415 0.55 -13.60 11.43
N PHE A 416 -0.54 -13.60 10.68
CA PHE A 416 -1.24 -12.34 10.42
C PHE A 416 -2.74 -12.55 10.36
N ALA A 417 -3.48 -11.47 10.57
CA ALA A 417 -4.93 -11.53 10.52
C ALA A 417 -5.42 -10.95 9.19
N ARG A 418 -6.50 -11.51 8.66
CA ARG A 418 -7.07 -11.01 7.43
C ARG A 418 -8.05 -9.94 7.88
N GLU A 419 -7.54 -8.72 8.02
CA GLU A 419 -8.33 -7.57 8.47
C GLU A 419 -9.47 -7.19 7.55
N CYS A 420 -10.47 -6.52 8.12
CA CYS A 420 -11.59 -6.03 7.33
C CYS A 420 -11.02 -4.86 6.53
N ARG A 421 -11.54 -4.63 5.34
CA ARG A 421 -11.04 -3.52 4.54
C ARG A 421 -12.15 -2.48 4.41
N GLY A 422 -11.76 -1.20 4.41
CA GLY A 422 -12.75 -0.15 4.32
C GLY A 422 -12.92 0.43 2.94
N PHE A 423 -14.07 1.04 2.70
CA PHE A 423 -14.34 1.68 1.42
C PHE A 423 -15.16 2.92 1.70
N TYR A 424 -14.79 4.01 1.05
CA TYR A 424 -15.50 5.27 1.18
C TYR A 424 -16.73 5.10 0.34
N PHE A 425 -17.83 5.69 0.76
CA PHE A 425 -19.08 5.51 0.05
C PHE A 425 -19.90 6.79 -0.11
N GLU A 426 -20.96 6.66 -0.90
CA GLU A 426 -21.87 7.75 -1.15
C GLU A 426 -23.27 7.23 -0.83
N LEU A 427 -24.02 8.00 -0.06
CA LEU A 427 -25.37 7.61 0.30
C LEU A 427 -26.30 8.49 -0.52
N GLN A 428 -27.37 7.91 -1.06
CA GLN A 428 -28.30 8.68 -1.87
C GLN A 428 -29.72 8.32 -1.43
N GLU A 429 -30.47 9.32 -0.97
CA GLU A 429 -31.84 9.08 -0.53
C GLU A 429 -32.71 8.71 -1.72
N LEU A 430 -33.54 7.69 -1.54
CA LEU A 430 -34.43 7.25 -2.60
C LEU A 430 -35.89 7.31 -2.15
N LYS A 431 -36.78 6.85 -3.03
CA LYS A 431 -38.21 6.85 -2.74
C LYS A 431 -38.55 5.77 -1.71
N GLU A 432 -39.81 5.79 -1.27
CA GLU A 432 -40.32 4.81 -0.31
C GLU A 432 -40.49 3.52 -1.11
N ASP A 433 -40.30 2.39 -0.46
CA ASP A 433 -40.44 1.10 -1.15
C ASP A 433 -40.46 -0.03 -0.14
N ASP A 434 -40.80 -1.24 -0.59
CA ASP A 434 -40.84 -2.41 0.27
C ASP A 434 -39.42 -2.71 0.72
N TYR A 435 -39.28 -3.18 1.95
CA TYR A 435 -37.96 -3.52 2.45
C TYR A 435 -37.99 -4.88 3.12
N TYR A 436 -36.86 -5.57 3.10
CA TYR A 436 -36.74 -6.89 3.68
C TYR A 436 -35.52 -6.91 4.55
N GLY A 437 -35.68 -7.36 5.79
CA GLY A 437 -34.57 -7.42 6.69
C GLY A 437 -34.55 -8.72 7.45
N ILE A 438 -33.49 -8.93 8.22
CA ILE A 438 -33.36 -10.13 9.01
C ILE A 438 -32.92 -9.74 10.41
N THR A 439 -33.23 -10.59 11.37
CA THR A 439 -32.86 -10.34 12.75
C THR A 439 -31.96 -11.48 13.20
N LEU A 440 -30.84 -11.12 13.80
CA LEU A 440 -29.89 -12.12 14.27
C LEU A 440 -30.10 -12.45 15.72
N SER A 441 -29.55 -13.58 16.15
CA SER A 441 -29.68 -14.05 17.53
C SER A 441 -29.32 -13.01 18.60
N ASP A 442 -29.79 -13.26 19.82
CA ASP A 442 -29.52 -12.39 20.95
C ASP A 442 -28.02 -12.26 21.14
N ASP A 443 -27.53 -11.02 21.13
CA ASP A 443 -26.11 -10.73 21.29
C ASP A 443 -25.25 -11.77 20.56
N SER A 444 -25.07 -11.55 19.26
CA SER A 444 -24.29 -12.44 18.42
C SER A 444 -23.15 -11.65 17.79
N ASP A 445 -23.33 -10.34 17.76
CA ASP A 445 -22.40 -9.34 17.21
C ASP A 445 -23.26 -8.56 16.22
N HIS A 446 -24.46 -9.09 15.99
N HIS A 446 -24.45 -9.09 15.98
CA HIS A 446 -25.44 -8.47 15.09
CA HIS A 446 -25.45 -8.49 15.09
C HIS A 446 -24.93 -8.13 13.70
C HIS A 446 -24.94 -8.14 13.70
N GLN A 447 -23.94 -8.87 13.22
CA GLN A 447 -23.39 -8.61 11.91
C GLN A 447 -23.34 -9.86 11.02
N PHE A 448 -23.43 -9.62 9.72
CA PHE A 448 -23.34 -10.69 8.73
C PHE A 448 -22.85 -10.05 7.43
N LEU A 449 -22.53 -10.87 6.43
CA LEU A 449 -22.02 -10.34 5.17
C LEU A 449 -22.96 -10.45 4.00
N LEU A 450 -23.01 -9.40 3.19
CA LEU A 450 -23.81 -9.43 1.97
C LEU A 450 -22.97 -10.24 0.98
N ALA A 451 -23.56 -10.61 -0.15
CA ALA A 451 -22.84 -11.40 -1.15
C ALA A 451 -21.56 -10.72 -1.65
N ASN A 452 -21.49 -9.40 -1.51
CA ASN A 452 -20.30 -8.68 -1.95
C ASN A 452 -19.30 -8.45 -0.82
N GLN A 453 -19.45 -9.22 0.26
CA GLN A 453 -18.57 -9.17 1.42
C GLN A 453 -18.70 -7.94 2.34
N VAL A 454 -19.60 -7.02 2.00
CA VAL A 454 -19.78 -5.84 2.83
C VAL A 454 -20.35 -6.28 4.18
N VAL A 455 -19.83 -5.68 5.26
CA VAL A 455 -20.30 -6.00 6.59
C VAL A 455 -21.53 -5.15 6.88
N VAL A 456 -22.64 -5.80 7.21
CA VAL A 456 -23.87 -5.09 7.51
C VAL A 456 -24.41 -5.42 8.88
N HIS A 457 -25.28 -4.55 9.38
N HIS A 457 -25.28 -4.54 9.37
CA HIS A 457 -25.87 -4.73 10.69
CA HIS A 457 -25.88 -4.72 10.68
C HIS A 457 -27.31 -5.23 10.60
C HIS A 457 -27.31 -5.25 10.58
N ALA A 458 -27.71 -6.01 11.60
CA ALA A 458 -29.05 -6.57 11.69
C ALA A 458 -29.40 -6.63 13.17
N CYS A 459 -30.53 -6.04 13.53
N CYS A 459 -30.53 -6.04 13.53
CA CYS A 459 -31.00 -6.05 14.92
CA CYS A 459 -30.97 -6.03 14.92
C CYS A 459 -32.51 -6.27 14.96
C CYS A 459 -31.58 -7.36 15.31
N LYS B 1 42.36 0.47 4.78
CA LYS B 1 41.34 -0.46 5.34
C LYS B 1 40.56 0.22 6.44
N LEU B 2 39.57 -0.48 7.01
CA LEU B 2 38.73 0.07 8.08
C LEU B 2 38.20 1.46 7.69
N GLU B 3 36.97 1.51 7.20
CA GLU B 3 36.42 2.80 6.79
C GLU B 3 35.11 2.69 6.04
N GLY B 4 34.68 3.85 5.56
CA GLY B 4 33.49 3.96 4.73
C GLY B 4 34.11 4.58 3.49
N ALA B 5 34.22 3.81 2.40
CA ALA B 5 34.86 4.32 1.19
C ALA B 5 33.92 4.60 0.03
N PHE B 6 33.98 5.84 -0.47
CA PHE B 6 33.12 6.24 -1.57
C PHE B 6 33.93 6.83 -2.73
N ALA B 7 33.31 6.87 -3.90
CA ALA B 7 33.97 7.42 -5.08
C ALA B 7 34.06 8.91 -4.92
N LYS B 8 35.05 9.52 -5.57
CA LYS B 8 35.22 10.96 -5.51
C LYS B 8 33.91 11.64 -5.92
N GLY B 9 33.62 12.77 -5.29
CA GLY B 9 32.40 13.48 -5.63
C GLY B 9 31.16 13.05 -4.88
N THR B 10 31.25 11.98 -4.11
CA THR B 10 30.08 11.53 -3.36
C THR B 10 29.67 12.61 -2.37
N ASN B 11 28.41 13.05 -2.44
CA ASN B 11 27.95 14.09 -1.53
C ASN B 11 27.39 13.55 -0.22
N VAL B 12 27.94 14.03 0.88
CA VAL B 12 27.46 13.61 2.17
C VAL B 12 26.78 14.78 2.87
N LEU B 13 25.79 14.46 3.71
CA LEU B 13 25.08 15.48 4.45
C LEU B 13 25.89 15.76 5.73
N MET B 14 26.29 17.01 5.92
CA MET B 14 27.05 17.35 7.12
C MET B 14 26.08 17.54 8.27
N ALA B 15 26.61 17.67 9.48
CA ALA B 15 25.78 17.81 10.67
C ALA B 15 25.05 19.14 10.81
N ASP B 16 25.37 20.09 9.95
CA ASP B 16 24.69 21.39 10.04
C ASP B 16 23.71 21.56 8.89
N GLY B 17 23.44 20.47 8.18
CA GLY B 17 22.52 20.52 7.08
C GLY B 17 23.17 20.84 5.74
N SER B 18 24.42 21.32 5.78
CA SER B 18 25.12 21.64 4.54
C SER B 18 25.62 20.37 3.85
N ILE B 19 26.01 20.51 2.60
CA ILE B 19 26.50 19.38 1.85
C ILE B 19 27.95 19.59 1.43
N GLU B 20 28.72 18.51 1.38
CA GLU B 20 30.11 18.57 0.97
C GLU B 20 30.49 17.27 0.28
N CYS B 21 31.34 17.36 -0.74
CA CYS B 21 31.79 16.17 -1.45
C CYS B 21 32.66 15.41 -0.45
N ILE B 22 32.79 14.10 -0.64
CA ILE B 22 33.57 13.27 0.26
C ILE B 22 35.04 13.68 0.37
N GLU B 23 35.66 13.98 -0.77
CA GLU B 23 37.07 14.37 -0.81
C GLU B 23 37.39 15.65 -0.03
N ASN B 24 36.40 16.52 0.15
CA ASN B 24 36.61 17.77 0.87
C ASN B 24 36.37 17.67 2.36
N ILE B 25 36.00 16.49 2.85
CA ILE B 25 35.77 16.34 4.27
C ILE B 25 37.11 16.16 4.95
N GLU B 26 37.28 16.83 6.09
CA GLU B 26 38.52 16.76 6.84
C GLU B 26 38.27 16.25 8.25
N VAL B 27 39.34 15.79 8.88
CA VAL B 27 39.28 15.28 10.24
C VAL B 27 38.67 16.34 11.14
N GLY B 28 37.89 15.91 12.13
CA GLY B 28 37.26 16.85 13.03
C GLY B 28 35.93 17.31 12.49
N ASN B 29 35.73 17.17 11.18
CA ASN B 29 34.47 17.56 10.57
C ASN B 29 33.36 16.66 11.12
N LYS B 30 32.14 17.16 11.12
CA LYS B 30 31.00 16.39 11.61
C LYS B 30 29.95 16.19 10.52
N VAL B 31 29.68 14.93 10.22
CA VAL B 31 28.68 14.58 9.21
C VAL B 31 27.37 14.27 9.94
N MET B 32 26.28 14.19 9.19
CA MET B 32 24.97 13.93 9.78
C MET B 32 24.69 12.48 10.20
N GLY B 33 24.25 12.31 11.45
CA GLY B 33 23.91 10.99 11.95
C GLY B 33 22.43 10.79 11.64
N LYS B 34 21.99 9.55 11.45
CA LYS B 34 20.60 9.32 11.13
C LYS B 34 19.64 9.84 12.19
N ASP B 35 20.15 10.12 13.38
CA ASP B 35 19.31 10.64 14.46
C ASP B 35 19.30 12.17 14.47
N GLY B 36 19.80 12.78 13.40
CA GLY B 36 19.83 14.22 13.31
C GLY B 36 20.96 14.85 14.11
N ARG B 37 21.79 14.01 14.72
CA ARG B 37 22.90 14.50 15.52
C ARG B 37 24.22 14.26 14.79
N PRO B 38 25.31 14.90 15.25
CA PRO B 38 26.61 14.73 14.59
C PRO B 38 27.38 13.42 14.75
N ARG B 39 28.27 13.20 13.79
CA ARG B 39 29.15 12.03 13.75
C ARG B 39 30.51 12.61 13.37
N GLU B 40 31.44 12.67 14.32
CA GLU B 40 32.75 13.23 14.06
C GLU B 40 33.64 12.35 13.20
N VAL B 41 34.31 12.97 12.23
CA VAL B 41 35.21 12.26 11.35
C VAL B 41 36.56 12.20 12.05
N ILE B 42 37.09 10.98 12.18
CA ILE B 42 38.37 10.78 12.84
C ILE B 42 39.57 10.59 11.91
N LYS B 43 39.40 9.79 10.87
CA LYS B 43 40.48 9.55 9.91
C LYS B 43 39.93 9.71 8.49
N LEU B 44 40.81 9.88 7.53
CA LEU B 44 40.41 10.01 6.13
C LEU B 44 41.05 8.92 5.29
N PRO B 45 40.60 7.67 5.47
CA PRO B 45 41.10 6.49 4.74
C PRO B 45 40.98 6.66 3.24
N ARG B 46 42.07 6.41 2.52
CA ARG B 46 42.04 6.53 1.06
C ARG B 46 42.91 5.46 0.41
N GLY B 47 42.67 5.23 -0.87
CA GLY B 47 43.43 4.23 -1.58
C GLY B 47 42.83 3.85 -2.91
N ARG B 48 43.18 2.67 -3.37
CA ARG B 48 42.70 2.15 -4.64
C ARG B 48 41.99 0.84 -4.39
N GLU B 49 40.85 0.63 -5.05
CA GLU B 49 40.09 -0.59 -4.89
C GLU B 49 39.02 -0.70 -5.96
N THR B 50 38.52 -1.91 -6.19
CA THR B 50 37.47 -2.13 -7.15
C THR B 50 36.28 -1.34 -6.62
N MET B 51 35.56 -0.68 -7.51
CA MET B 51 34.40 0.09 -7.08
C MET B 51 33.10 -0.59 -7.46
N TYR B 52 32.03 -0.23 -6.76
CA TYR B 52 30.70 -0.78 -7.03
C TYR B 52 29.70 0.36 -6.97
N SER B 53 28.78 0.39 -7.93
CA SER B 53 27.77 1.45 -7.92
C SER B 53 26.47 0.90 -7.35
N VAL B 54 25.81 1.70 -6.52
CA VAL B 54 24.53 1.30 -5.96
C VAL B 54 23.53 2.23 -6.62
N VAL B 55 22.47 1.67 -7.18
CA VAL B 55 21.46 2.50 -7.81
C VAL B 55 20.07 1.90 -7.65
N GLN B 56 19.18 2.68 -7.05
CA GLN B 56 17.80 2.26 -6.81
C GLN B 56 17.24 1.57 -8.03
N LYS B 57 16.60 0.43 -7.82
CA LYS B 57 16.00 -0.35 -8.89
C LYS B 57 14.72 0.32 -9.33
N SER B 58 14.70 0.87 -10.54
CA SER B 58 13.52 1.54 -11.05
C SER B 58 12.76 0.63 -12.02
N LEU B 75 18.29 7.75 -5.88
CA LEU B 75 19.07 7.14 -4.81
C LEU B 75 20.21 6.30 -5.38
N LYS B 76 21.42 6.80 -5.24
CA LYS B 76 22.58 6.10 -5.76
C LYS B 76 23.87 6.62 -5.17
N PHE B 77 24.90 5.79 -5.24
CA PHE B 77 26.22 6.16 -4.78
C PHE B 77 27.21 5.08 -5.19
N THR B 78 28.48 5.43 -5.20
CA THR B 78 29.55 4.51 -5.58
C THR B 78 30.50 4.31 -4.42
N CYS B 79 30.74 3.05 -4.05
CA CYS B 79 31.63 2.71 -2.95
C CYS B 79 32.69 1.71 -3.41
N ASN B 80 33.60 1.33 -2.53
CA ASN B 80 34.60 0.34 -2.93
C ASN B 80 34.18 -1.05 -2.48
N ALA B 81 34.88 -2.07 -2.97
CA ALA B 81 34.58 -3.47 -2.66
C ALA B 81 34.36 -3.88 -1.22
N THR B 82 35.14 -3.34 -0.30
CA THR B 82 35.01 -3.70 1.11
C THR B 82 34.04 -2.81 1.88
N HIS B 83 33.48 -1.81 1.21
CA HIS B 83 32.55 -0.91 1.88
C HIS B 83 31.33 -1.70 2.33
N GLU B 84 30.93 -1.52 3.59
CA GLU B 84 29.79 -2.25 4.13
C GLU B 84 28.46 -1.55 3.88
N LEU B 85 27.58 -2.24 3.17
CA LEU B 85 26.26 -1.72 2.87
C LEU B 85 25.34 -1.94 4.04
N VAL B 86 24.58 -0.91 4.42
CA VAL B 86 23.64 -1.05 5.51
C VAL B 86 22.35 -1.55 4.88
N VAL B 87 22.01 -2.81 5.16
CA VAL B 87 20.83 -3.40 4.55
C VAL B 87 19.84 -4.02 5.52
N ARG B 88 18.65 -4.25 5.00
CA ARG B 88 17.60 -4.88 5.75
C ARG B 88 17.00 -5.92 4.82
N THR B 89 16.50 -7.00 5.42
CA THR B 89 15.85 -8.07 4.71
C THR B 89 14.72 -8.46 5.65
N PRO B 90 13.51 -8.70 5.13
CA PRO B 90 12.42 -9.08 6.03
C PRO B 90 12.64 -10.47 6.59
N ARG B 91 12.01 -10.72 7.73
CA ARG B 91 12.04 -12.03 8.35
C ARG B 91 10.92 -12.67 7.55
N SER B 92 10.95 -14.00 7.44
CA SER B 92 9.95 -14.72 6.64
C SER B 92 9.88 -16.18 7.08
N VAL B 93 8.67 -16.71 7.20
CA VAL B 93 8.50 -18.10 7.59
C VAL B 93 7.22 -18.65 6.95
N ARG B 94 7.29 -19.89 6.45
CA ARG B 94 6.12 -20.49 5.82
C ARG B 94 6.13 -22.00 5.83
N ARG B 95 4.96 -22.59 6.08
CA ARG B 95 4.81 -24.04 6.07
C ARG B 95 4.42 -24.45 4.66
N LEU B 96 4.65 -25.72 4.36
CA LEU B 96 4.36 -26.25 3.03
C LEU B 96 4.48 -27.76 3.09
N SER B 97 3.76 -28.44 2.22
CA SER B 97 3.82 -29.90 2.16
C SER B 97 4.38 -30.33 0.81
N ARG B 98 5.10 -31.43 0.80
CA ARG B 98 5.68 -31.94 -0.43
C ARG B 98 5.97 -33.44 -0.32
N VAL B 103 9.55 -39.12 0.32
CA VAL B 103 9.19 -38.19 -0.74
C VAL B 103 8.13 -37.17 -0.31
N GLU B 104 7.44 -37.45 0.80
CA GLU B 104 6.39 -36.55 1.31
C GLU B 104 6.69 -36.02 2.72
N TYR B 105 6.95 -34.73 2.84
CA TYR B 105 7.25 -34.13 4.15
C TYR B 105 6.60 -32.77 4.38
N PHE B 106 6.71 -32.30 5.63
CA PHE B 106 6.23 -30.99 6.02
C PHE B 106 7.51 -30.16 5.90
N GLU B 107 7.45 -29.05 5.17
CA GLU B 107 8.62 -28.21 4.98
C GLU B 107 8.38 -26.81 5.55
N VAL B 108 9.38 -26.28 6.25
CA VAL B 108 9.28 -24.93 6.79
C VAL B 108 10.46 -24.17 6.22
N ILE B 109 10.14 -23.09 5.51
CA ILE B 109 11.17 -22.27 4.89
C ILE B 109 11.30 -20.96 5.67
N THR B 110 12.54 -20.58 5.98
CA THR B 110 12.76 -19.36 6.73
C THR B 110 13.93 -18.54 6.20
N PHE B 111 13.95 -17.28 6.61
CA PHE B 111 15.03 -16.38 6.27
C PHE B 111 15.72 -16.23 7.63
N GLU B 112 16.97 -16.61 7.71
CA GLU B 112 17.68 -16.49 8.97
C GLU B 112 19.12 -16.12 8.69
N MET B 113 19.78 -15.52 9.68
CA MET B 113 21.18 -15.14 9.50
C MET B 113 21.93 -16.44 9.48
N GLY B 114 22.88 -16.57 8.56
CA GLY B 114 23.69 -17.77 8.45
C GLY B 114 25.08 -17.48 7.92
N GLN B 115 25.78 -18.53 7.51
CA GLN B 115 27.13 -18.40 7.00
C GLN B 115 27.21 -18.91 5.57
N LYS B 116 28.15 -18.36 4.81
CA LYS B 116 28.35 -18.80 3.44
C LYS B 116 29.81 -18.57 3.07
N LYS B 117 30.48 -19.63 2.64
CA LYS B 117 31.88 -19.50 2.25
C LYS B 117 31.97 -18.88 0.87
N ALA B 118 32.76 -17.83 0.75
CA ALA B 118 32.92 -17.12 -0.52
C ALA B 118 33.99 -17.80 -1.37
N PRO B 119 34.03 -17.48 -2.67
CA PRO B 119 35.02 -18.07 -3.57
C PRO B 119 36.44 -17.91 -3.04
N ASP B 120 36.71 -16.84 -2.31
CA ASP B 120 38.04 -16.63 -1.76
C ASP B 120 38.25 -17.32 -0.40
N GLY B 121 37.36 -18.25 -0.05
CA GLY B 121 37.49 -18.96 1.21
C GLY B 121 36.96 -18.25 2.44
N ARG B 122 36.70 -16.97 2.30
CA ARG B 122 36.19 -16.14 3.39
C ARG B 122 34.79 -16.62 3.80
N ILE B 123 34.54 -16.66 5.11
CA ILE B 123 33.23 -17.07 5.62
C ILE B 123 32.45 -15.78 5.85
N VAL B 124 31.43 -15.54 5.03
CA VAL B 124 30.65 -14.32 5.16
C VAL B 124 29.32 -14.54 5.85
N GLU B 125 29.01 -13.66 6.80
CA GLU B 125 27.75 -13.76 7.49
C GLU B 125 26.71 -13.02 6.65
N LEU B 126 25.54 -13.63 6.48
CA LEU B 126 24.46 -13.05 5.68
C LEU B 126 23.16 -13.83 5.85
N VAL B 127 22.05 -13.22 5.43
CA VAL B 127 20.73 -13.84 5.52
C VAL B 127 20.62 -14.92 4.46
N LYS B 128 20.07 -16.07 4.85
CA LYS B 128 19.93 -17.18 3.92
C LYS B 128 18.53 -17.74 4.02
N GLU B 129 18.06 -18.35 2.93
CA GLU B 129 16.76 -19.00 2.94
C GLU B 129 17.03 -20.43 3.35
N VAL B 130 16.51 -20.82 4.50
CA VAL B 130 16.74 -22.16 5.02
C VAL B 130 15.50 -23.04 5.02
N SER B 131 15.68 -24.28 4.57
CA SER B 131 14.59 -25.23 4.52
C SER B 131 14.79 -26.37 5.52
N LYS B 132 13.74 -26.67 6.26
CA LYS B 132 13.74 -27.75 7.23
C LYS B 132 12.48 -28.55 6.92
N SER B 133 12.63 -29.84 6.66
CA SER B 133 11.50 -30.70 6.37
C SER B 133 11.68 -32.09 6.94
N TYR B 134 10.57 -32.71 7.32
CA TYR B 134 10.59 -34.05 7.87
C TYR B 134 9.31 -34.77 7.51
N PRO B 135 9.34 -36.12 7.52
CA PRO B 135 8.20 -36.99 7.20
C PRO B 135 6.88 -36.57 7.81
N ILE B 136 5.85 -36.55 6.97
CA ILE B 136 4.51 -36.19 7.44
C ILE B 136 4.06 -37.26 8.43
N SER B 137 4.60 -38.47 8.25
CA SER B 137 4.25 -39.59 9.12
C SER B 137 4.91 -39.43 10.50
N GLU B 138 5.37 -38.23 10.81
CA GLU B 138 6.00 -37.99 12.10
C GLU B 138 5.31 -36.93 12.95
N GLY B 139 4.12 -36.50 12.53
CA GLY B 139 3.38 -35.51 13.29
C GLY B 139 3.85 -34.09 13.05
N PRO B 140 2.95 -33.09 13.18
CA PRO B 140 3.26 -31.68 12.98
C PRO B 140 4.08 -31.07 14.13
N GLU B 141 4.38 -31.89 15.13
CA GLU B 141 5.14 -31.47 16.31
C GLU B 141 6.20 -30.38 16.06
N ARG B 142 7.35 -30.79 15.52
CA ARG B 142 8.44 -29.86 15.26
C ARG B 142 8.11 -28.78 14.24
N ALA B 143 7.40 -29.15 13.18
CA ALA B 143 7.05 -28.17 12.14
C ALA B 143 6.43 -26.92 12.76
N ASN B 144 5.52 -27.12 13.70
CA ASN B 144 4.85 -26.01 14.35
C ASN B 144 5.70 -25.34 15.42
N GLU B 145 6.66 -26.09 15.96
CA GLU B 145 7.55 -25.57 16.98
C GLU B 145 8.56 -24.65 16.31
N LEU B 146 8.99 -25.04 15.10
CA LEU B 146 9.94 -24.26 14.33
C LEU B 146 9.38 -22.87 14.04
N VAL B 147 8.16 -22.82 13.50
CA VAL B 147 7.53 -21.54 13.20
C VAL B 147 7.36 -20.78 14.50
N GLU B 148 7.06 -21.51 15.58
CA GLU B 148 6.87 -20.92 16.89
C GLU B 148 8.16 -20.28 17.35
N SER B 149 9.25 -21.04 17.23
CA SER B 149 10.57 -20.56 17.62
C SER B 149 10.95 -19.34 16.77
N TYR B 150 10.64 -19.42 15.48
CA TYR B 150 10.96 -18.34 14.57
C TYR B 150 10.14 -17.08 14.86
N ARG B 151 8.83 -17.26 15.02
CA ARG B 151 7.92 -16.15 15.27
C ARG B 151 7.92 -15.68 16.72
N LYS B 152 9.10 -15.29 17.21
CA LYS B 152 9.29 -14.78 18.57
C LYS B 152 10.78 -14.76 18.90
N ALA B 153 11.61 -15.17 17.94
CA ALA B 153 13.04 -15.19 18.12
C ALA B 153 13.60 -13.78 17.90
N SER B 154 12.72 -12.85 17.57
CA SER B 154 13.13 -11.47 17.34
C SER B 154 12.03 -10.48 17.70
N ASN B 155 12.45 -9.28 18.08
CA ASN B 155 11.50 -8.24 18.44
C ASN B 155 11.06 -7.44 17.22
N LYS B 156 11.59 -7.79 16.04
CA LYS B 156 11.23 -7.06 14.82
C LYS B 156 10.98 -7.93 13.58
N ALA B 157 10.26 -7.34 12.63
CA ALA B 157 9.89 -8.04 11.40
C ALA B 157 10.96 -8.07 10.31
N TYR B 158 12.17 -7.59 10.64
CA TYR B 158 13.25 -7.61 9.66
C TYR B 158 14.65 -7.74 10.27
N PHE B 159 15.60 -8.10 9.43
CA PHE B 159 16.99 -8.24 9.85
C PHE B 159 17.65 -6.92 9.47
N GLU B 160 18.39 -6.37 10.41
CA GLU B 160 19.12 -5.13 10.18
C GLU B 160 20.57 -5.57 10.20
N TRP B 161 21.26 -5.47 9.08
CA TRP B 161 22.65 -5.89 9.07
C TRP B 161 23.47 -5.25 7.95
N THR B 162 24.69 -5.72 7.75
CA THR B 162 25.54 -5.13 6.75
C THR B 162 26.27 -6.20 5.97
N ILE B 163 26.71 -5.82 4.78
CA ILE B 163 27.41 -6.75 3.92
C ILE B 163 28.29 -5.97 2.94
N GLU B 164 29.52 -6.44 2.76
CA GLU B 164 30.43 -5.79 1.84
C GLU B 164 29.87 -5.87 0.42
N ALA B 165 30.05 -4.81 -0.35
CA ALA B 165 29.55 -4.76 -1.72
C ALA B 165 29.94 -6.02 -2.46
N ARG B 166 31.23 -6.37 -2.38
CA ARG B 166 31.75 -7.57 -3.04
C ARG B 166 31.07 -8.85 -2.61
N ASP B 167 30.36 -8.86 -1.49
CA ASP B 167 29.73 -10.10 -1.05
C ASP B 167 28.25 -10.20 -1.39
N LEU B 168 27.66 -9.10 -1.85
CA LEU B 168 26.24 -9.08 -2.18
C LEU B 168 25.81 -10.21 -3.12
N SER B 169 26.65 -10.50 -4.11
CA SER B 169 26.37 -11.57 -5.08
C SER B 169 26.29 -12.97 -4.44
N LEU B 170 26.69 -13.08 -3.18
CA LEU B 170 26.64 -14.36 -2.46
C LEU B 170 25.24 -14.71 -2.01
N LEU B 171 24.38 -13.69 -1.88
CA LEU B 171 23.02 -13.94 -1.44
C LEU B 171 22.26 -14.79 -2.45
N GLY B 172 21.41 -15.68 -1.94
CA GLY B 172 20.61 -16.50 -2.81
C GLY B 172 19.63 -15.56 -3.47
N SER B 173 19.13 -15.96 -4.63
CA SER B 173 18.18 -15.16 -5.39
C SER B 173 17.06 -14.52 -4.56
N HIS B 174 16.33 -15.34 -3.80
CA HIS B 174 15.22 -14.84 -3.00
C HIS B 174 15.62 -13.82 -1.96
N VAL B 175 16.63 -14.13 -1.17
CA VAL B 175 17.09 -13.21 -0.15
C VAL B 175 17.57 -11.93 -0.81
N ARG B 176 18.37 -12.07 -1.87
CA ARG B 176 18.91 -10.91 -2.58
C ARG B 176 17.84 -9.91 -3.01
N LYS B 177 16.78 -10.42 -3.64
CA LYS B 177 15.73 -9.55 -4.12
C LYS B 177 14.95 -8.88 -2.99
N ALA B 178 14.82 -9.55 -1.85
CA ALA B 178 14.09 -8.99 -0.73
C ALA B 178 14.97 -8.12 0.18
N THR B 179 16.25 -7.99 -0.17
CA THR B 179 17.19 -7.19 0.62
C THR B 179 17.23 -5.77 0.07
N TYR B 180 17.13 -4.79 0.96
CA TYR B 180 17.14 -3.39 0.54
C TYR B 180 18.00 -2.49 1.42
N GLN B 181 18.28 -1.29 0.91
CA GLN B 181 19.02 -0.33 1.70
C GLN B 181 18.00 0.69 2.16
N THR B 182 18.42 1.68 2.91
CA THR B 182 17.47 2.65 3.42
C THR B 182 17.99 4.06 3.42
N TYR B 183 17.06 4.99 3.55
CA TYR B 183 17.40 6.39 3.66
C TYR B 183 16.60 6.87 4.87
N ALA B 184 17.20 7.75 5.66
CA ALA B 184 16.58 8.26 6.87
C ALA B 184 15.99 9.64 6.64
N PRO B 185 14.96 10.01 7.39
CA PRO B 185 14.40 11.35 7.19
C PRO B 185 15.45 12.28 7.80
N ILE B 186 15.38 13.56 7.48
CA ILE B 186 16.31 14.51 8.06
C ILE B 186 15.63 15.11 9.27
N LEU B 187 15.97 14.58 10.45
CA LEU B 187 15.40 15.03 11.71
C LEU B 187 15.98 16.35 12.19
N TYR B 188 17.17 16.67 11.73
CA TYR B 188 17.85 17.91 12.10
C TYR B 188 17.03 19.08 11.58
N GLU B 189 16.90 20.14 12.36
CA GLU B 189 16.14 21.31 11.93
C GLU B 189 16.88 22.62 12.14
N ASN B 190 16.96 23.40 11.06
CA ASN B 190 17.59 24.71 11.09
C ASN B 190 16.49 25.76 11.20
N ASP B 191 16.78 26.86 11.90
CA ASP B 191 15.82 27.92 12.06
C ASP B 191 16.10 29.05 11.07
N HIS B 192 16.70 28.69 9.94
CA HIS B 192 17.03 29.66 8.90
C HIS B 192 15.80 30.48 8.50
N PHE B 193 14.69 29.78 8.31
CA PHE B 193 13.44 30.40 7.91
C PHE B 193 12.92 31.31 9.03
N PHE B 194 12.80 30.76 10.24
CA PHE B 194 12.33 31.52 11.39
C PHE B 194 13.12 32.80 11.61
N ASP B 195 14.44 32.67 11.68
CA ASP B 195 15.31 33.82 11.89
C ASP B 195 15.00 34.94 10.89
N TYR B 196 15.04 34.60 9.61
CA TYR B 196 14.76 35.55 8.53
C TYR B 196 13.48 36.36 8.73
N MET B 197 12.54 35.81 9.51
CA MET B 197 11.25 36.46 9.76
C MET B 197 11.21 37.84 10.43
N GLN B 198 11.52 38.89 9.68
CA GLN B 198 11.50 40.26 10.18
C GLN B 198 11.30 41.25 9.04
N LYS B 210 4.98 27.67 8.58
CA LYS B 210 4.06 28.66 9.13
C LYS B 210 3.22 29.29 8.01
N VAL B 211 2.65 30.45 8.30
CA VAL B 211 1.82 31.19 7.36
C VAL B 211 2.51 31.50 6.04
N LEU B 212 3.78 31.91 6.12
CA LEU B 212 4.54 32.24 4.92
C LEU B 212 4.87 31.02 4.07
N ALA B 213 5.23 29.92 4.74
CA ALA B 213 5.58 28.70 4.03
C ALA B 213 4.42 28.18 3.20
N TYR B 214 3.23 28.23 3.78
CA TYR B 214 2.02 27.78 3.09
C TYR B 214 1.82 28.58 1.80
N LEU B 215 1.72 29.90 1.94
CA LEU B 215 1.52 30.77 0.80
C LEU B 215 2.59 30.53 -0.25
N LEU B 216 3.83 30.35 0.19
CA LEU B 216 4.92 30.10 -0.74
C LEU B 216 4.60 28.82 -1.52
N GLY B 217 4.01 27.85 -0.82
CA GLY B 217 3.66 26.60 -1.46
C GLY B 217 2.67 26.85 -2.58
N LEU B 218 1.68 27.69 -2.33
CA LEU B 218 0.70 28.02 -3.34
C LEU B 218 1.44 28.80 -4.42
N TRP B 219 2.15 29.82 -3.97
CA TRP B 219 2.94 30.67 -4.84
C TRP B 219 3.78 29.88 -5.83
N ILE B 220 4.43 28.82 -5.36
CA ILE B 220 5.28 28.01 -6.22
C ILE B 220 4.58 26.70 -6.61
N GLY B 221 3.27 26.79 -6.87
CA GLY B 221 2.53 25.60 -7.25
C GLY B 221 1.50 25.86 -8.33
N ASP B 222 1.21 27.14 -8.58
CA ASP B 222 0.23 27.52 -9.59
C ASP B 222 0.27 29.04 -9.78
N GLY B 223 1.24 29.67 -9.13
CA GLY B 223 1.36 31.11 -9.24
C GLY B 223 2.12 31.58 -10.46
N LEU B 224 2.31 32.90 -10.56
CA LEU B 224 3.02 33.50 -11.68
C LEU B 224 4.52 33.34 -11.51
N SER B 225 5.25 34.45 -11.56
CA SER B 225 6.70 34.44 -11.42
C SER B 225 7.25 35.83 -11.10
N ASP B 226 6.76 36.82 -11.85
CA ASP B 226 7.18 38.22 -11.70
C ASP B 226 6.50 38.99 -10.58
N ARG B 227 5.51 38.38 -9.93
CA ARG B 227 4.79 39.05 -8.86
C ARG B 227 4.20 38.09 -7.84
N ALA B 228 4.01 38.58 -6.62
CA ALA B 228 3.44 37.79 -5.55
C ALA B 228 1.96 37.50 -5.82
N THR B 229 1.70 36.84 -6.94
CA THR B 229 0.34 36.50 -7.33
C THR B 229 0.26 35.04 -7.79
N PHE B 230 -0.74 34.33 -7.30
CA PHE B 230 -0.91 32.93 -7.67
C PHE B 230 -2.36 32.57 -7.94
N SER B 231 -2.56 31.36 -8.46
CA SER B 231 -3.90 30.88 -8.77
C SER B 231 -4.52 30.10 -7.63
N VAL B 232 -5.84 30.18 -7.51
CA VAL B 232 -6.57 29.47 -6.49
C VAL B 232 -7.92 29.04 -7.04
N ASP B 233 -8.32 27.81 -6.73
CA ASP B 233 -9.58 27.29 -7.21
C ASP B 233 -10.72 28.16 -6.69
N SER B 234 -11.34 28.93 -7.57
CA SER B 234 -12.44 29.80 -7.18
C SER B 234 -13.50 29.02 -6.42
N ARG B 235 -13.67 27.76 -6.83
CA ARG B 235 -14.66 26.88 -6.23
C ARG B 235 -14.14 26.06 -5.04
N ASP B 236 -13.96 26.73 -3.91
CA ASP B 236 -13.48 26.07 -2.69
C ASP B 236 -13.35 27.11 -1.59
N THR B 237 -14.49 27.47 -0.98
CA THR B 237 -14.50 28.45 0.09
C THR B 237 -13.42 28.11 1.09
N SER B 238 -13.34 26.83 1.45
CA SER B 238 -12.36 26.35 2.40
C SER B 238 -10.97 26.94 2.10
N LEU B 239 -10.53 26.78 0.86
CA LEU B 239 -9.23 27.30 0.43
C LEU B 239 -9.26 28.82 0.42
N MET B 240 -10.28 29.39 -0.19
CA MET B 240 -10.42 30.85 -0.26
C MET B 240 -10.28 31.42 1.16
N GLU B 241 -10.99 30.81 2.10
CA GLU B 241 -10.94 31.22 3.50
C GLU B 241 -9.50 31.22 3.97
N ARG B 242 -8.80 30.12 3.66
CA ARG B 242 -7.41 29.93 4.04
C ARG B 242 -6.49 31.02 3.53
N VAL B 243 -6.47 31.25 2.21
CA VAL B 243 -5.60 32.27 1.65
C VAL B 243 -5.80 33.61 2.33
N THR B 244 -7.06 34.02 2.44
CA THR B 244 -7.41 35.29 3.07
C THR B 244 -6.87 35.34 4.50
N GLU B 245 -7.38 34.43 5.34
CA GLU B 245 -6.99 34.35 6.74
C GLU B 245 -5.48 34.43 6.95
N TYR B 246 -4.72 33.77 6.08
CA TYR B 246 -3.27 33.74 6.18
C TYR B 246 -2.61 35.02 5.70
N ALA B 247 -3.19 35.66 4.69
CA ALA B 247 -2.64 36.90 4.16
C ALA B 247 -2.76 37.96 5.25
N GLU B 248 -3.92 37.98 5.91
CA GLU B 248 -4.18 38.93 6.98
C GLU B 248 -3.15 38.81 8.10
N LYS B 249 -2.80 37.57 8.43
CA LYS B 249 -1.83 37.31 9.48
C LYS B 249 -0.43 37.73 9.08
N LEU B 250 -0.28 38.08 7.80
CA LEU B 250 1.00 38.54 7.27
C LEU B 250 0.80 39.93 6.66
N ASN B 251 -0.19 40.64 7.16
CA ASN B 251 -0.50 41.98 6.69
C ASN B 251 -0.53 42.06 5.17
N LEU B 252 -1.60 41.54 4.57
CA LEU B 252 -1.73 41.56 3.12
C LEU B 252 -3.21 41.53 2.74
N CYS B 253 -3.64 42.46 1.89
CA CYS B 253 -5.03 42.50 1.46
C CYS B 253 -5.33 41.22 0.68
N ALA B 254 -6.61 40.96 0.43
CA ALA B 254 -7.02 39.76 -0.30
C ALA B 254 -6.68 39.90 -1.79
N GLU B 255 -7.54 40.60 -2.52
CA GLU B 255 -7.37 40.83 -3.95
C GLU B 255 -7.57 39.58 -4.80
N TYR B 256 -8.70 39.52 -5.49
CA TYR B 256 -9.03 38.37 -6.34
C TYR B 256 -9.51 38.75 -7.74
N LYS B 257 -8.65 39.38 -8.53
CA LYS B 257 -9.03 39.76 -9.89
C LYS B 257 -9.41 38.49 -10.65
N ASP B 258 -10.71 38.29 -10.83
CA ASP B 258 -11.22 37.09 -11.51
C ASP B 258 -10.75 36.96 -12.96
N ARG B 259 -10.74 35.71 -13.44
CA ARG B 259 -10.36 35.33 -14.80
C ARG B 259 -8.88 35.09 -15.07
N LYS B 260 -8.38 33.94 -14.62
CA LYS B 260 -6.99 33.55 -14.85
C LYS B 260 -7.07 32.27 -15.68
N GLU B 261 -8.10 31.48 -15.41
CA GLU B 261 -8.35 30.22 -16.09
C GLU B 261 -9.84 30.16 -16.44
N PRO B 262 -10.19 29.67 -17.65
CA PRO B 262 -11.57 29.54 -18.11
C PRO B 262 -12.59 29.17 -17.04
N GLN B 263 -13.08 30.18 -16.30
CA GLN B 263 -14.08 29.98 -15.26
C GLN B 263 -13.66 28.96 -14.19
N VAL B 264 -12.45 29.10 -13.66
CA VAL B 264 -11.95 28.20 -12.62
C VAL B 264 -11.01 28.91 -11.66
N ALA B 265 -9.77 29.13 -12.10
CA ALA B 265 -8.77 29.79 -11.27
C ALA B 265 -9.00 31.29 -11.23
N LYS B 266 -9.13 31.82 -10.02
CA LYS B 266 -9.36 33.25 -9.82
C LYS B 266 -8.08 33.88 -9.28
N THR B 267 -7.30 34.49 -10.17
CA THR B 267 -6.04 35.13 -9.80
C THR B 267 -6.10 35.74 -8.40
N VAL B 268 -4.97 35.67 -7.69
CA VAL B 268 -4.90 36.22 -6.34
C VAL B 268 -3.62 37.05 -6.18
N ASN B 269 -3.79 38.32 -5.86
CA ASN B 269 -2.64 39.20 -5.66
C ASN B 269 -2.51 39.54 -4.18
N LEU B 270 -1.26 39.60 -3.70
CA LEU B 270 -1.00 39.90 -2.30
C LEU B 270 -0.20 41.20 -2.15
N TYR B 271 -0.91 42.31 -2.03
CA TYR B 271 -0.28 43.61 -1.85
C TYR B 271 -0.01 43.82 -0.36
N SER B 272 0.46 45.01 -0.01
CA SER B 272 0.75 45.32 1.38
C SER B 272 0.01 46.57 1.83
N GLY B 296 14.40 36.11 -2.35
CA GLY B 296 15.01 36.06 -1.04
C GLY B 296 15.40 34.65 -0.64
N LEU B 297 14.51 33.97 0.08
CA LEU B 297 14.77 32.60 0.53
C LEU B 297 15.28 31.70 -0.59
N GLY B 298 14.89 32.01 -1.83
CA GLY B 298 15.34 31.21 -2.96
C GLY B 298 14.30 30.46 -3.76
N PHE B 299 13.02 30.73 -3.50
CA PHE B 299 11.95 30.05 -4.23
C PHE B 299 11.93 30.50 -5.68
N LEU B 300 12.27 31.76 -5.90
CA LEU B 300 12.33 32.32 -7.25
C LEU B 300 13.71 32.04 -7.81
N LYS B 301 13.81 31.07 -8.71
CA LYS B 301 15.12 30.73 -9.28
C LYS B 301 15.19 30.56 -10.79
N ASP B 302 16.05 31.34 -11.41
CA ASP B 302 16.29 31.30 -12.84
C ASP B 302 15.05 31.36 -13.74
N GLY B 303 14.09 32.21 -13.38
CA GLY B 303 12.90 32.35 -14.19
C GLY B 303 11.85 31.26 -14.00
N VAL B 304 12.25 30.12 -13.48
CA VAL B 304 11.32 29.01 -13.24
C VAL B 304 11.17 28.79 -11.75
N LYS B 305 10.00 28.28 -11.35
CA LYS B 305 9.75 28.02 -9.95
C LYS B 305 10.77 27.01 -9.43
N ASN B 306 11.25 27.24 -8.21
CA ASN B 306 12.22 26.32 -7.60
C ASN B 306 12.09 26.19 -6.09
N ILE B 307 11.94 24.96 -5.62
CA ILE B 307 11.83 24.68 -4.19
C ILE B 307 13.22 24.72 -3.55
N PRO B 308 13.51 25.77 -2.79
CA PRO B 308 14.78 26.00 -2.08
C PRO B 308 15.37 24.74 -1.45
N SER B 309 16.69 24.75 -1.29
CA SER B 309 17.39 23.62 -0.70
C SER B 309 17.26 23.60 0.82
N PHE B 310 17.54 24.74 1.45
CA PHE B 310 17.48 24.85 2.91
C PHE B 310 16.22 24.26 3.55
N LEU B 311 15.14 24.15 2.78
CA LEU B 311 13.90 23.60 3.32
C LEU B 311 14.09 22.20 3.89
N SER B 312 14.80 21.36 3.13
CA SER B 312 15.08 19.97 3.51
C SER B 312 15.65 19.80 4.91
N THR B 313 16.37 20.81 5.39
CA THR B 313 16.97 20.75 6.72
C THR B 313 16.42 21.80 7.67
N ASP B 314 15.34 22.45 7.25
CA ASP B 314 14.74 23.49 8.09
C ASP B 314 13.72 22.87 9.03
N ASN B 315 12.96 23.72 9.71
CA ASN B 315 11.94 23.28 10.65
C ASN B 315 10.93 22.34 9.98
N ILE B 316 10.75 21.15 10.56
CA ILE B 316 9.85 20.14 10.01
C ILE B 316 8.39 20.62 9.83
N GLY B 317 7.90 21.44 10.77
CA GLY B 317 6.55 21.97 10.65
C GLY B 317 6.46 22.90 9.46
N THR B 318 7.54 23.62 9.20
CA THR B 318 7.63 24.54 8.07
C THR B 318 7.66 23.76 6.76
N ARG B 319 8.38 22.66 6.75
CA ARG B 319 8.45 21.84 5.55
C ARG B 319 7.06 21.33 5.20
N GLU B 320 6.37 20.77 6.19
CA GLU B 320 5.02 20.25 6.01
C GLU B 320 4.07 21.33 5.50
N THR B 321 4.07 22.48 6.17
CA THR B 321 3.19 23.57 5.79
C THR B 321 3.42 24.00 4.34
N PHE B 322 4.68 24.23 3.96
CA PHE B 322 4.99 24.61 2.58
C PHE B 322 4.44 23.54 1.64
N LEU B 323 4.59 22.28 2.03
CA LEU B 323 4.13 21.16 1.23
C LEU B 323 2.61 21.07 1.18
N ALA B 324 1.95 21.50 2.24
CA ALA B 324 0.48 21.50 2.28
C ALA B 324 0.01 22.58 1.31
N GLY B 325 0.69 23.72 1.35
CA GLY B 325 0.37 24.84 0.48
C GLY B 325 0.58 24.47 -0.97
N LEU B 326 1.60 23.66 -1.23
CA LEU B 326 1.94 23.21 -2.57
C LEU B 326 0.86 22.26 -3.08
N ILE B 327 0.46 21.32 -2.22
CA ILE B 327 -0.56 20.33 -2.55
C ILE B 327 -1.94 20.97 -2.76
N ASP B 328 -2.27 21.97 -1.95
CA ASP B 328 -3.54 22.67 -2.08
C ASP B 328 -3.54 23.40 -3.42
N SER B 329 -2.36 23.86 -3.81
CA SER B 329 -2.19 24.60 -5.06
C SER B 329 -2.57 23.78 -6.28
N ASP B 330 -1.97 22.60 -6.42
CA ASP B 330 -2.29 21.76 -7.56
C ASP B 330 -1.96 20.28 -7.33
N GLY B 331 -2.16 19.83 -6.10
CA GLY B 331 -1.89 18.44 -5.77
C GLY B 331 -3.14 17.60 -5.93
N TYR B 332 -2.95 16.30 -6.11
CA TYR B 332 -4.06 15.37 -6.25
C TYR B 332 -3.87 14.23 -5.28
N VAL B 333 -4.66 14.23 -4.21
CA VAL B 333 -4.55 13.19 -3.20
C VAL B 333 -5.54 12.06 -3.46
N THR B 334 -5.07 10.84 -3.28
CA THR B 334 -5.89 9.65 -3.52
C THR B 334 -5.76 8.66 -2.36
N ASP B 335 -6.84 7.91 -2.13
CA ASP B 335 -6.87 6.93 -1.04
C ASP B 335 -6.75 5.49 -1.55
N GLU B 336 -7.02 5.28 -2.84
CA GLU B 336 -6.95 3.95 -3.45
C GLU B 336 -6.30 2.85 -2.60
N HIS B 337 -4.98 2.72 -2.69
CA HIS B 337 -4.28 1.69 -1.92
C HIS B 337 -3.32 2.30 -0.89
N GLY B 338 -3.82 3.25 -0.12
CA GLY B 338 -3.01 3.93 0.87
C GLY B 338 -3.03 5.39 0.46
N ILE B 339 -2.93 6.33 1.39
CA ILE B 339 -2.95 7.73 1.01
C ILE B 339 -1.75 8.08 0.16
N LYS B 340 -2.00 8.89 -0.86
CA LYS B 340 -0.95 9.31 -1.76
C LYS B 340 -1.29 10.69 -2.29
N ALA B 341 -0.25 11.48 -2.55
CA ALA B 341 -0.44 12.82 -3.09
C ALA B 341 0.42 12.91 -4.34
N THR B 342 -0.16 13.48 -5.39
CA THR B 342 0.55 13.62 -6.65
C THR B 342 0.69 15.07 -7.07
N ILE B 343 1.94 15.47 -7.34
CA ILE B 343 2.23 16.82 -7.79
C ILE B 343 2.80 16.70 -9.19
N LYS B 344 2.41 17.62 -10.08
CA LYS B 344 2.89 17.61 -11.45
C LYS B 344 3.60 18.92 -11.72
N THR B 345 4.75 18.83 -12.40
CA THR B 345 5.52 20.02 -12.70
C THR B 345 6.34 19.86 -13.97
N ILE B 346 6.74 21.00 -14.53
CA ILE B 346 7.55 21.03 -15.74
C ILE B 346 8.93 21.50 -15.32
N HIS B 347 8.98 22.27 -14.23
CA HIS B 347 10.21 22.81 -13.72
C HIS B 347 11.03 21.76 -12.94
N THR B 348 12.08 21.25 -13.57
CA THR B 348 12.94 20.24 -12.96
C THR B 348 13.44 20.71 -11.60
N SER B 349 13.79 21.99 -11.51
CA SER B 349 14.27 22.55 -10.25
C SER B 349 13.23 22.27 -9.15
N VAL B 350 11.97 22.19 -9.54
CA VAL B 350 10.90 21.92 -8.59
C VAL B 350 10.82 20.44 -8.29
N ARG B 351 10.82 19.63 -9.35
CA ARG B 351 10.77 18.18 -9.20
C ARG B 351 11.85 17.75 -8.23
N ASP B 352 13.08 18.19 -8.48
CA ASP B 352 14.22 17.86 -7.64
C ASP B 352 14.08 18.44 -6.25
N GLY B 353 13.58 19.67 -6.17
CA GLY B 353 13.40 20.31 -4.88
C GLY B 353 12.33 19.63 -4.05
N LEU B 354 11.31 19.10 -4.71
CA LEU B 354 10.22 18.43 -4.02
C LEU B 354 10.62 17.03 -3.55
N VAL B 355 11.23 16.25 -4.44
CA VAL B 355 11.66 14.90 -4.06
C VAL B 355 12.49 14.99 -2.79
N SER B 356 13.40 15.96 -2.77
CA SER B 356 14.26 16.14 -1.61
C SER B 356 13.45 16.50 -0.37
N LEU B 357 12.67 17.56 -0.45
CA LEU B 357 11.85 18.00 0.69
C LEU B 357 10.94 16.88 1.19
N ALA B 358 10.33 16.14 0.27
CA ALA B 358 9.43 15.04 0.64
C ALA B 358 10.19 13.91 1.36
N ARG B 359 11.33 13.50 0.81
CA ARG B 359 12.10 12.45 1.45
C ARG B 359 12.67 12.96 2.78
N SER B 360 12.90 14.25 2.88
CA SER B 360 13.47 14.81 4.11
C SER B 360 12.52 14.58 5.27
N LEU B 361 11.22 14.50 4.96
CA LEU B 361 10.19 14.29 5.96
C LEU B 361 10.00 12.80 6.27
N GLY B 362 10.57 11.95 5.42
CA GLY B 362 10.42 10.52 5.62
C GLY B 362 9.30 10.00 4.75
N LEU B 363 8.96 10.75 3.71
CA LEU B 363 7.92 10.33 2.78
C LEU B 363 8.56 9.44 1.75
N VAL B 364 7.77 8.58 1.12
CA VAL B 364 8.24 7.71 0.05
C VAL B 364 7.85 8.47 -1.20
N VAL B 365 8.80 8.68 -2.09
CA VAL B 365 8.53 9.45 -3.30
C VAL B 365 8.91 8.72 -4.58
N SER B 366 8.12 8.96 -5.61
CA SER B 366 8.32 8.40 -6.94
C SER B 366 8.15 9.55 -7.92
N VAL B 367 8.74 9.40 -9.10
CA VAL B 367 8.62 10.44 -10.10
C VAL B 367 8.09 9.82 -11.39
N ASN B 368 7.55 10.65 -12.27
CA ASN B 368 7.01 10.18 -13.53
C ASN B 368 6.73 11.36 -14.47
N ILE B 383 8.01 19.39 -20.76
CA ILE B 383 7.65 18.05 -20.27
C ILE B 383 6.95 18.11 -18.92
N SER B 384 6.22 17.06 -18.59
CA SER B 384 5.49 16.99 -17.32
C SER B 384 6.07 15.96 -16.37
N TYR B 385 6.34 16.40 -15.15
CA TYR B 385 6.89 15.53 -14.12
C TYR B 385 5.84 15.27 -13.06
N ALA B 386 5.55 13.99 -12.82
CA ALA B 386 4.57 13.62 -11.81
C ALA B 386 5.31 13.06 -10.60
N ILE B 387 5.25 13.78 -9.49
CA ILE B 387 5.89 13.35 -8.26
C ILE B 387 4.85 12.73 -7.33
N TYR B 388 5.00 11.43 -7.06
CA TYR B 388 4.08 10.71 -6.19
C TYR B 388 4.63 10.63 -4.78
N MET B 389 3.79 10.92 -3.79
CA MET B 389 4.21 10.89 -2.38
C MET B 389 3.29 10.05 -1.51
N SER B 390 3.88 9.21 -0.68
CA SER B 390 3.12 8.36 0.23
C SER B 390 3.89 8.18 1.53
N GLY B 391 3.31 7.49 2.51
CA GLY B 391 3.99 7.29 3.77
C GLY B 391 3.13 7.23 5.03
N GLY B 392 1.84 6.96 4.88
CA GLY B 392 0.95 6.87 6.03
C GLY B 392 0.83 8.11 6.90
N ASP B 393 1.09 7.97 8.20
CA ASP B 393 0.99 9.11 9.11
C ASP B 393 1.86 10.31 8.77
N VAL B 394 3.01 10.07 8.13
CA VAL B 394 3.89 11.17 7.74
C VAL B 394 3.17 12.05 6.73
N LEU B 395 2.57 11.42 5.72
CA LEU B 395 1.83 12.14 4.71
C LEU B 395 0.58 12.77 5.31
N LEU B 396 -0.04 12.07 6.24
CA LEU B 396 -1.24 12.59 6.90
C LEU B 396 -0.87 13.85 7.66
N ASN B 397 0.33 13.87 8.24
CA ASN B 397 0.79 15.03 8.99
C ASN B 397 0.96 16.23 8.05
N VAL B 398 1.01 15.97 6.75
CA VAL B 398 1.13 17.06 5.80
C VAL B 398 -0.26 17.50 5.34
N LEU B 399 -1.08 16.53 4.92
CA LEU B 399 -2.42 16.82 4.43
C LEU B 399 -3.37 17.46 5.45
N SER B 400 -3.09 17.28 6.74
CA SER B 400 -3.94 17.85 7.77
C SER B 400 -3.70 19.35 7.90
N LYS B 401 -2.68 19.85 7.21
CA LYS B 401 -2.36 21.27 7.25
C LYS B 401 -2.89 21.94 5.98
N CYS B 402 -3.54 21.16 5.14
CA CYS B 402 -4.11 21.67 3.91
C CYS B 402 -5.49 22.24 4.16
N ALA B 403 -5.92 23.12 3.27
CA ALA B 403 -7.23 23.74 3.36
C ALA B 403 -8.10 23.26 2.22
N GLY B 404 -7.47 22.68 1.20
CA GLY B 404 -8.21 22.18 0.04
C GLY B 404 -9.29 21.16 0.39
N SER B 405 -10.48 21.37 -0.15
CA SER B 405 -11.62 20.49 0.12
C SER B 405 -11.34 19.02 -0.12
N LYS B 406 -10.67 18.70 -1.22
CA LYS B 406 -10.34 17.32 -1.55
C LYS B 406 -8.91 16.97 -1.11
N LYS B 407 -8.17 17.97 -0.65
CA LYS B 407 -6.79 17.76 -0.22
C LYS B 407 -6.65 17.42 1.26
N PHE B 408 -7.42 18.09 2.10
CA PHE B 408 -7.38 17.85 3.54
C PHE B 408 -7.67 16.39 3.90
N ARG B 409 -7.01 15.93 4.95
CA ARG B 409 -7.19 14.59 5.46
C ARG B 409 -6.86 14.70 6.94
N PRO B 410 -7.64 14.03 7.81
CA PRO B 410 -7.40 14.09 9.25
C PRO B 410 -5.97 13.72 9.65
N ALA B 411 -5.48 14.41 10.67
CA ALA B 411 -4.13 14.18 11.19
C ALA B 411 -4.05 12.80 11.83
N PRO B 412 -2.84 12.27 12.01
CA PRO B 412 -2.62 10.95 12.61
C PRO B 412 -3.40 10.75 13.92
N ALA B 413 -3.67 9.49 14.25
CA ALA B 413 -4.41 9.12 15.45
C ALA B 413 -3.54 9.14 16.69
N ALA B 414 -2.24 8.90 16.52
CA ALA B 414 -1.32 8.90 17.65
C ALA B 414 0.05 9.42 17.26
N ALA B 415 1.01 9.27 18.16
CA ALA B 415 2.36 9.71 17.88
C ALA B 415 2.90 8.77 16.82
N PHE B 416 3.68 9.29 15.90
CA PHE B 416 4.25 8.47 14.86
C PHE B 416 5.72 8.81 14.72
N ALA B 417 6.50 7.85 14.28
CA ALA B 417 7.93 8.06 14.11
C ALA B 417 8.25 8.17 12.63
N ARG B 418 9.15 9.09 12.30
CA ARG B 418 9.54 9.25 10.90
C ARG B 418 10.57 8.15 10.70
N GLU B 419 10.09 7.00 10.25
CA GLU B 419 10.91 5.83 10.03
C GLU B 419 11.79 5.91 8.79
N CYS B 420 12.85 5.11 8.79
CA CYS B 420 13.75 5.04 7.67
C CYS B 420 12.96 4.31 6.59
N ARG B 421 13.14 4.74 5.35
CA ARG B 421 12.45 4.15 4.21
C ARG B 421 13.41 3.25 3.47
N GLY B 422 12.90 2.15 2.96
CA GLY B 422 13.76 1.24 2.24
C GLY B 422 13.69 1.48 0.75
N PHE B 423 14.70 1.00 0.05
CA PHE B 423 14.70 1.11 -1.39
C PHE B 423 15.52 -0.04 -1.94
N TYR B 424 14.98 -0.69 -2.96
CA TYR B 424 15.62 -1.81 -3.61
C TYR B 424 16.65 -1.20 -4.54
N PHE B 425 17.68 -1.97 -4.84
CA PHE B 425 18.75 -1.42 -5.65
C PHE B 425 19.47 -2.50 -6.44
N GLU B 426 20.23 -2.04 -7.41
CA GLU B 426 21.05 -2.89 -8.26
C GLU B 426 22.47 -2.52 -7.90
N LEU B 427 23.36 -3.50 -7.84
CA LEU B 427 24.74 -3.21 -7.52
C LEU B 427 25.53 -3.61 -8.75
N GLN B 428 26.46 -2.77 -9.19
CA GLN B 428 27.25 -3.11 -10.36
C GLN B 428 28.75 -2.99 -10.14
N GLU B 429 29.47 -4.08 -10.34
CA GLU B 429 30.92 -4.06 -10.17
C GLU B 429 31.50 -3.17 -11.25
N LEU B 430 32.29 -2.19 -10.85
CA LEU B 430 32.93 -1.29 -11.79
C LEU B 430 34.40 -1.67 -11.86
N LYS B 431 35.24 -0.69 -12.15
CA LYS B 431 36.67 -0.95 -12.25
C LYS B 431 37.41 -0.32 -11.08
N GLU B 432 38.66 -0.74 -10.88
CA GLU B 432 39.49 -0.21 -9.81
C GLU B 432 39.57 1.31 -9.99
N ASP B 433 39.62 2.04 -8.89
CA ASP B 433 39.67 3.49 -8.95
C ASP B 433 40.09 3.99 -7.59
N ASP B 434 40.36 5.29 -7.49
CA ASP B 434 40.72 5.85 -6.20
C ASP B 434 39.43 5.90 -5.42
N TYR B 435 39.52 5.89 -4.10
CA TYR B 435 38.34 6.00 -3.28
C TYR B 435 38.65 6.94 -2.12
N TYR B 436 37.62 7.59 -1.60
CA TYR B 436 37.79 8.49 -0.49
C TYR B 436 36.89 8.02 0.63
N GLY B 437 37.49 7.75 1.77
CA GLY B 437 36.70 7.27 2.89
C GLY B 437 36.92 8.03 4.17
N ILE B 438 36.03 7.77 5.12
CA ILE B 438 36.12 8.40 6.42
C ILE B 438 35.84 7.33 7.46
N THR B 439 36.16 7.62 8.71
CA THR B 439 35.89 6.73 9.81
C THR B 439 35.30 7.65 10.84
N LEU B 440 34.43 7.09 11.68
CA LEU B 440 33.76 7.88 12.70
C LEU B 440 34.24 7.53 14.10
N SER B 441 33.83 8.30 15.09
CA SER B 441 34.22 8.03 16.46
C SER B 441 33.75 6.62 16.79
N ASP B 442 34.67 5.80 17.26
CA ASP B 442 34.35 4.41 17.59
C ASP B 442 33.17 4.33 18.54
N ASP B 443 32.88 5.46 19.18
CA ASP B 443 31.79 5.53 20.13
C ASP B 443 30.40 5.74 19.53
N SER B 444 30.32 5.86 18.21
CA SER B 444 29.03 6.09 17.54
C SER B 444 28.43 4.80 16.98
N ASP B 445 27.33 4.96 16.21
CA ASP B 445 26.66 3.83 15.60
C ASP B 445 27.36 3.50 14.28
N HIS B 446 28.40 4.25 13.96
CA HIS B 446 29.17 4.01 12.75
C HIS B 446 28.39 4.22 11.47
N GLN B 447 27.36 5.07 11.55
CA GLN B 447 26.54 5.35 10.38
C GLN B 447 26.28 6.85 10.22
N PHE B 448 26.10 7.26 8.97
CA PHE B 448 25.82 8.65 8.68
C PHE B 448 25.02 8.71 7.40
N LEU B 449 24.60 9.92 7.04
CA LEU B 449 23.78 10.10 5.84
C LEU B 449 24.48 10.80 4.66
N LEU B 450 24.23 10.30 3.46
CA LEU B 450 24.78 10.93 2.27
C LEU B 450 23.79 12.08 2.00
N ALA B 451 24.13 12.98 1.09
CA ALA B 451 23.25 14.11 0.79
C ALA B 451 21.88 13.63 0.31
N ASN B 452 21.85 12.45 -0.30
CA ASN B 452 20.61 11.88 -0.81
C ASN B 452 19.85 11.13 0.31
N GLN B 453 20.30 11.33 1.55
CA GLN B 453 19.73 10.73 2.76
C GLN B 453 19.95 9.23 2.94
N VAL B 454 20.70 8.60 2.05
CA VAL B 454 20.94 7.18 2.20
C VAL B 454 21.82 6.97 3.42
N VAL B 455 21.45 5.96 4.21
CA VAL B 455 22.19 5.62 5.41
C VAL B 455 23.36 4.74 5.03
N VAL B 456 24.56 5.23 5.29
CA VAL B 456 25.76 4.47 4.95
C VAL B 456 26.56 4.18 6.21
N HIS B 457 27.42 3.18 6.09
CA HIS B 457 28.25 2.76 7.21
C HIS B 457 29.69 3.22 7.03
N ALA B 458 30.32 3.56 8.14
CA ALA B 458 31.72 3.97 8.15
C ALA B 458 32.26 3.35 9.43
N CYS B 459 33.33 2.58 9.31
CA CYS B 459 33.92 1.93 10.48
C CYS B 459 34.28 2.95 11.57
N GLY B 460 34.12 2.52 12.82
CA GLY B 460 34.47 3.40 13.93
C GLY B 460 35.95 3.18 14.21
N GLU B 461 36.64 4.22 14.64
CA GLU B 461 38.07 4.11 14.94
C GLU B 461 38.46 5.03 16.10
N ARG B 462 39.52 4.66 16.80
CA ARG B 462 40.01 5.44 17.93
C ARG B 462 40.59 6.78 17.48
ZN ZN C . -27.43 -4.22 17.16
ZN ZN C . -28.76 -2.29 16.57
ZN ZN D . 32.92 -1.49 9.57
#